data_8VHC
#
_entry.id   8VHC
#
_cell.length_a   82.884
_cell.length_b   82.884
_cell.length_c   303.926
_cell.angle_alpha   90.000
_cell.angle_beta   90.000
_cell.angle_gamma   90.000
#
_symmetry.space_group_name_H-M   'P 43 21 2'
#
loop_
_entity.id
_entity.type
_entity.pdbx_description
1 polymer 'Isocitrate dehydrogenase [NADP] cytoplasmic'
2 non-polymer GLYCEROL
3 non-polymer 'NADPH DIHYDRO-NICOTINAMIDE-ADENINE-DINUCLEOTIDE PHOSPHATE'
4 non-polymer 'SULFATE ION'
5 water water
#
_entity_poly.entity_id   1
_entity_poly.type   'polypeptide(L)'
_entity_poly.pdbx_seq_one_letter_code
;HHHHHHSSGLVPRGSHMSKKISGGSVVEMQGDEMTRIIWELIKEKLIFPYVELDLHSYDLGIENRDATNDQVTKDAAEAI
KKHNVGVKCATITPDEKRVEEFKLKQMWKSPNGTIRNILGGTVFREAIICKNIPRLVSGWVKPIIIGQHAYGDQYRATDF
VVPGPGKVEITYTPSDGTQKVTYLVHNFEEGGGVAMGMYNQDKSIEDFAHSSFQMALSKGWPLYLSTKNTILKKYDGRFK
DIFQEIYDKQYKSQFEAQKIWYEHRLIDDMVAQAMKSEGGFIWACKNYDGDVQSDSVAQGYGSLGMMTSVLVCPDGKTVE
AEAAHGTVTRHYRMYQKGQETSTNPIASIFAWTRGLAHRAKLDNNKELAFFANALEEVSIETIEAGFMTKDLAACIKGLP
NVQRSDYLNTFEFMDKLGENLKIKLAQAKL
;
_entity_poly.pdbx_strand_id   A,B
#
loop_
_chem_comp.id
_chem_comp.type
_chem_comp.name
_chem_comp.formula
GOL non-polymer GLYCEROL 'C3 H8 O3'
NDP non-polymer 'NADPH DIHYDRO-NICOTINAMIDE-ADENINE-DINUCLEOTIDE PHOSPHATE' 'C21 H30 N7 O17 P3'
SO4 non-polymer 'SULFATE ION' 'O4 S -2'
#
# COMPACT_ATOMS: atom_id res chain seq x y z
N LYS A 20 29.03 -29.25 21.54
CA LYS A 20 28.18 -28.12 21.20
C LYS A 20 29.01 -26.93 20.72
N ILE A 21 28.36 -26.01 20.00
CA ILE A 21 29.03 -24.82 19.47
C ILE A 21 29.07 -23.74 20.54
N SER A 22 30.16 -22.99 20.59
CA SER A 22 30.29 -21.84 21.48
C SER A 22 29.75 -20.62 20.74
N GLY A 23 28.54 -20.20 21.10
CA GLY A 23 27.84 -19.16 20.36
C GLY A 23 28.13 -17.74 20.80
N GLY A 24 28.56 -17.56 22.04
CA GLY A 24 28.87 -16.23 22.53
C GLY A 24 27.69 -15.48 23.09
N SER A 25 27.73 -14.15 23.05
CA SER A 25 26.77 -13.30 23.73
C SER A 25 25.58 -13.00 22.82
N VAL A 26 24.39 -13.30 23.30
CA VAL A 26 23.15 -13.10 22.55
C VAL A 26 22.07 -12.59 23.52
N VAL A 27 21.39 -11.52 23.13
CA VAL A 27 20.30 -10.96 23.92
C VAL A 27 19.00 -11.58 23.43
N GLU A 28 18.31 -12.30 24.32
CA GLU A 28 17.06 -12.97 23.99
C GLU A 28 15.91 -12.31 24.75
N MET A 29 14.80 -12.10 24.04
CA MET A 29 13.60 -11.49 24.60
C MET A 29 12.44 -12.46 24.45
N GLN A 30 11.80 -12.80 25.56
CA GLN A 30 10.66 -13.71 25.56
C GLN A 30 9.36 -12.93 25.43
N GLY A 31 8.37 -13.57 24.80
CA GLY A 31 7.14 -12.88 24.44
C GLY A 31 5.88 -13.43 25.06
N ASP A 32 4.78 -13.41 24.30
CA ASP A 32 3.46 -13.67 24.84
C ASP A 32 2.73 -14.74 24.03
N GLU A 33 1.70 -15.31 24.66
CA GLU A 33 0.73 -16.17 24.00
C GLU A 33 1.38 -17.21 23.10
N MET A 34 0.85 -17.40 21.88
CA MET A 34 1.27 -18.56 21.09
C MET A 34 2.75 -18.51 20.75
N THR A 35 3.27 -17.34 20.37
CA THR A 35 4.69 -17.26 20.03
C THR A 35 5.57 -17.63 21.22
N ARG A 36 5.13 -17.33 22.44
CA ARG A 36 5.89 -17.73 23.62
C ARG A 36 6.09 -19.24 23.64
N ILE A 37 5.05 -20.01 23.30
CA ILE A 37 5.16 -21.46 23.28
C ILE A 37 6.11 -21.92 22.18
N ILE A 38 5.90 -21.42 20.97
CA ILE A 38 6.77 -21.79 19.85
C ILE A 38 8.21 -21.39 20.15
N TRP A 39 8.41 -20.24 20.78
CA TRP A 39 9.74 -19.77 21.12
C TRP A 39 10.49 -20.81 21.95
N GLU A 40 9.83 -21.37 22.96
CA GLU A 40 10.48 -22.36 23.81
C GLU A 40 10.72 -23.66 23.06
N LEU A 41 9.79 -24.04 22.18
CA LEU A 41 10.03 -25.21 21.33
C LEU A 41 11.27 -25.02 20.49
N ILE A 42 11.45 -23.82 19.93
CA ILE A 42 12.62 -23.54 19.11
C ILE A 42 13.89 -23.70 19.93
N LYS A 43 13.91 -23.10 21.12
CA LYS A 43 15.11 -23.16 21.95
C LYS A 43 15.42 -24.60 22.37
N GLU A 44 14.40 -25.37 22.74
CA GLU A 44 14.64 -26.72 23.23
C GLU A 44 14.98 -27.68 22.10
N LYS A 45 14.25 -27.62 20.98
CA LYS A 45 14.43 -28.59 19.91
C LYS A 45 15.50 -28.22 18.91
N LEU A 46 15.74 -26.92 18.68
CA LEU A 46 16.56 -26.50 17.55
C LEU A 46 17.85 -25.79 17.92
N ILE A 47 17.90 -25.07 19.05
CA ILE A 47 19.04 -24.22 19.41
C ILE A 47 19.89 -24.87 20.50
N PHE A 48 19.35 -25.04 21.70
CA PHE A 48 20.15 -25.50 22.82
C PHE A 48 20.83 -26.86 22.60
N PRO A 49 20.24 -27.82 21.89
CA PRO A 49 20.94 -29.09 21.67
C PRO A 49 22.26 -28.92 20.93
N TYR A 50 22.47 -27.80 20.24
CA TYR A 50 23.65 -27.60 19.41
C TYR A 50 24.48 -26.37 19.75
N VAL A 51 23.92 -25.39 20.45
CA VAL A 51 24.60 -24.12 20.70
C VAL A 51 24.55 -23.82 22.19
N GLU A 52 25.71 -23.49 22.75
CA GLU A 52 25.80 -22.92 24.09
C GLU A 52 26.01 -21.41 23.94
N LEU A 53 25.19 -20.63 24.64
CA LEU A 53 25.25 -19.18 24.52
C LEU A 53 25.43 -18.54 25.88
N ASP A 54 26.24 -17.49 25.92
CA ASP A 54 26.16 -16.55 27.03
C ASP A 54 24.88 -15.75 26.84
N LEU A 55 23.78 -16.28 27.38
CA LEU A 55 22.44 -15.82 27.04
C LEU A 55 21.99 -14.75 28.02
N HIS A 56 21.70 -13.55 27.51
CA HIS A 56 21.11 -12.46 28.29
C HIS A 56 19.61 -12.47 28.01
N SER A 57 18.87 -13.22 28.82
CA SER A 57 17.44 -13.41 28.59
C SER A 57 16.64 -12.36 29.35
N TYR A 58 15.64 -11.79 28.66
CA TYR A 58 14.74 -10.84 29.26
C TYR A 58 13.31 -11.28 28.99
N ASP A 59 12.48 -11.21 30.03
CA ASP A 59 11.10 -11.67 29.96
C ASP A 59 10.21 -10.46 29.66
N LEU A 60 9.87 -10.27 28.39
CA LEU A 60 8.96 -9.21 27.97
C LEU A 60 7.51 -9.67 27.93
N GLY A 61 7.18 -10.77 28.62
CA GLY A 61 5.78 -11.13 28.76
C GLY A 61 4.99 -10.01 29.41
N ILE A 62 3.71 -9.93 29.05
CA ILE A 62 2.89 -8.79 29.46
C ILE A 62 2.86 -8.66 30.97
N GLU A 63 2.77 -9.79 31.69
CA GLU A 63 2.67 -9.72 33.14
C GLU A 63 3.98 -9.24 33.77
N ASN A 64 5.11 -9.67 33.23
CA ASN A 64 6.39 -9.19 33.75
C ASN A 64 6.61 -7.73 33.42
N ARG A 65 6.24 -7.30 32.22
CA ARG A 65 6.34 -5.88 31.89
C ARG A 65 5.50 -5.04 32.85
N ASP A 66 4.31 -5.52 33.21
CA ASP A 66 3.48 -4.81 34.17
C ASP A 66 4.11 -4.82 35.56
N ALA A 67 4.70 -5.95 35.96
CA ALA A 67 5.26 -6.04 37.30
C ALA A 67 6.45 -5.11 37.47
N THR A 68 7.30 -5.00 36.45
CA THR A 68 8.48 -4.16 36.51
C THR A 68 8.21 -2.72 36.06
N ASN A 69 6.95 -2.36 35.84
CA ASN A 69 6.61 -1.04 35.30
C ASN A 69 7.40 -0.76 34.02
N ASP A 70 7.48 -1.78 33.16
CA ASP A 70 8.12 -1.72 31.85
C ASP A 70 9.63 -1.55 31.92
N GLN A 71 10.23 -1.69 33.11
CA GLN A 71 11.68 -1.55 33.22
C GLN A 71 12.40 -2.63 32.44
N VAL A 72 11.83 -3.85 32.39
CA VAL A 72 12.49 -4.95 31.70
C VAL A 72 12.65 -4.64 30.22
N THR A 73 11.71 -3.88 29.64
CA THR A 73 11.82 -3.53 28.23
C THR A 73 13.01 -2.59 27.99
N LYS A 74 13.15 -1.57 28.83
CA LYS A 74 14.29 -0.68 28.71
C LYS A 74 15.60 -1.42 28.94
N ASP A 75 15.63 -2.30 29.94
CA ASP A 75 16.85 -3.05 30.22
C ASP A 75 17.25 -3.91 29.04
N ALA A 76 16.28 -4.51 28.35
CA ALA A 76 16.59 -5.33 27.18
C ALA A 76 17.14 -4.48 26.05
N ALA A 77 16.57 -3.31 25.83
CA ALA A 77 17.09 -2.41 24.80
C ALA A 77 18.55 -2.08 25.06
N GLU A 78 18.88 -1.67 26.29
CA GLU A 78 20.27 -1.39 26.62
C GLU A 78 21.16 -2.62 26.44
N ALA A 79 20.60 -3.82 26.67
CA ALA A 79 21.38 -5.03 26.50
C ALA A 79 21.74 -5.25 25.04
N ILE A 80 20.79 -5.04 24.14
CA ILE A 80 21.08 -5.16 22.71
C ILE A 80 22.15 -4.14 22.31
N LYS A 81 22.03 -2.91 22.82
CA LYS A 81 23.02 -1.89 22.50
C LYS A 81 24.42 -2.33 22.92
N LYS A 82 24.53 -3.05 24.05
CA LYS A 82 25.83 -3.44 24.57
C LYS A 82 26.40 -4.64 23.84
N HIS A 83 25.58 -5.66 23.57
CA HIS A 83 26.07 -6.93 23.05
C HIS A 83 25.83 -7.13 21.56
N ASN A 84 25.09 -6.22 20.91
CA ASN A 84 25.05 -6.14 19.45
C ASN A 84 24.08 -7.10 18.78
N VAL A 85 23.62 -8.13 19.49
CA VAL A 85 22.76 -9.15 18.90
C VAL A 85 21.54 -9.34 19.78
N GLY A 86 20.36 -9.12 19.22
CA GLY A 86 19.12 -9.35 19.94
C GLY A 86 18.12 -10.11 19.07
N VAL A 87 17.47 -11.08 19.69
CA VAL A 87 16.39 -11.84 19.07
C VAL A 87 15.17 -11.74 19.98
N LYS A 88 14.04 -11.32 19.41
CA LYS A 88 12.87 -11.00 20.20
C LYS A 88 11.66 -11.81 19.73
N CYS A 89 10.96 -12.41 20.69
CA CYS A 89 9.66 -13.02 20.46
C CYS A 89 8.58 -11.94 20.40
N ALA A 90 7.45 -12.27 19.78
CA ALA A 90 6.37 -11.31 19.67
C ALA A 90 5.77 -11.03 21.05
N THR A 91 5.29 -9.80 21.23
CA THR A 91 4.77 -9.33 22.50
C THR A 91 3.40 -8.71 22.32
N ILE A 92 2.62 -8.70 23.39
CA ILE A 92 1.32 -8.03 23.41
C ILE A 92 1.54 -6.53 23.53
N THR A 93 0.98 -5.77 22.59
CA THR A 93 0.91 -4.32 22.75
C THR A 93 -0.45 -3.99 23.35
N PRO A 94 -0.51 -3.47 24.57
CA PRO A 94 -1.80 -3.36 25.27
C PRO A 94 -2.75 -2.40 24.59
N ASP A 95 -4.04 -2.69 24.75
CA ASP A 95 -5.13 -1.77 24.43
C ASP A 95 -6.14 -1.86 25.56
N GLU A 96 -7.30 -1.23 25.38
CA GLU A 96 -8.32 -1.24 26.42
C GLU A 96 -8.65 -2.66 26.88
N LYS A 97 -8.86 -3.57 25.92
CA LYS A 97 -9.21 -4.94 26.27
C LYS A 97 -8.07 -5.62 27.03
N ARG A 98 -6.83 -5.41 26.59
CA ARG A 98 -5.69 -6.01 27.28
C ARG A 98 -5.56 -5.47 28.69
N VAL A 99 -5.77 -4.16 28.87
CA VAL A 99 -5.72 -3.58 30.21
C VAL A 99 -6.74 -4.25 31.12
N GLU A 100 -7.94 -4.51 30.61
CA GLU A 100 -8.95 -5.19 31.40
C GLU A 100 -8.60 -6.66 31.59
N GLU A 101 -8.10 -7.31 30.54
CA GLU A 101 -7.85 -8.75 30.60
C GLU A 101 -6.75 -9.07 31.61
N PHE A 102 -5.71 -8.23 31.68
CA PHE A 102 -4.56 -8.50 32.52
C PHE A 102 -4.50 -7.63 33.77
N LYS A 103 -5.49 -6.77 34.00
CA LYS A 103 -5.50 -5.86 35.14
C LYS A 103 -4.24 -4.98 35.13
N LEU A 104 -3.91 -4.46 33.96
CA LEU A 104 -2.70 -3.67 33.80
C LEU A 104 -2.81 -2.35 34.54
N LYS A 105 -1.67 -1.89 35.07
CA LYS A 105 -1.62 -0.58 35.71
C LYS A 105 -1.64 0.55 34.68
N GLN A 106 -1.25 0.26 33.43
CA GLN A 106 -1.11 1.28 32.41
C GLN A 106 -1.21 0.61 31.05
N MET A 107 -1.60 1.39 30.04
CA MET A 107 -1.54 0.93 28.66
C MET A 107 -0.10 1.13 28.17
N TRP A 108 0.75 0.16 28.51
CA TRP A 108 2.17 0.27 28.23
C TRP A 108 2.42 0.41 26.73
N LYS A 109 3.40 1.22 26.38
CA LYS A 109 3.79 1.37 24.97
C LYS A 109 4.35 0.07 24.44
N SER A 110 4.26 -0.10 23.12
CA SER A 110 4.72 -1.33 22.49
C SER A 110 6.21 -1.53 22.77
N PRO A 111 6.64 -2.72 23.17
CA PRO A 111 8.09 -2.94 23.37
C PRO A 111 8.92 -2.62 22.14
N ASN A 112 8.39 -2.89 20.95
CA ASN A 112 9.16 -2.64 19.73
C ASN A 112 9.43 -1.15 19.55
N GLY A 113 8.46 -0.29 19.88
CA GLY A 113 8.70 1.13 19.82
C GLY A 113 9.78 1.58 20.79
N THR A 114 9.69 1.11 22.03
CA THR A 114 10.72 1.45 23.02
C THR A 114 12.11 1.03 22.54
N ILE A 115 12.22 -0.21 22.04
CA ILE A 115 13.51 -0.72 21.60
C ILE A 115 14.01 0.06 20.39
N ARG A 116 13.17 0.24 19.38
CA ARG A 116 13.58 0.98 18.20
C ARG A 116 14.05 2.39 18.56
N ASN A 117 13.35 3.03 19.51
CA ASN A 117 13.72 4.38 19.90
C ASN A 117 15.05 4.41 20.66
N ILE A 118 15.41 3.31 21.31
CA ILE A 118 16.68 3.27 22.03
C ILE A 118 17.83 2.96 21.08
N LEU A 119 17.60 2.12 20.06
CA LEU A 119 18.65 1.69 19.16
C LEU A 119 18.69 2.47 17.86
N GLY A 120 17.55 2.94 17.36
CA GLY A 120 17.50 3.53 16.04
C GLY A 120 17.91 2.52 14.98
N GLY A 121 17.96 2.93 13.73
CA GLY A 121 18.37 2.07 12.64
C GLY A 121 17.27 1.92 11.61
N THR A 122 17.47 0.96 10.71
CA THR A 122 16.55 0.73 9.59
C THR A 122 16.01 -0.68 9.66
N VAL A 123 14.71 -0.82 9.41
CA VAL A 123 14.04 -2.11 9.43
C VAL A 123 14.01 -2.69 8.03
N PHE A 124 14.26 -3.99 7.92
CA PHE A 124 14.23 -4.70 6.65
C PHE A 124 13.30 -5.89 6.77
N ARG A 125 12.29 -5.95 5.91
CA ARG A 125 11.35 -7.07 5.87
C ARG A 125 11.67 -7.95 4.67
N GLU A 126 11.69 -9.26 4.91
CA GLU A 126 11.96 -10.23 3.86
C GLU A 126 11.12 -11.47 4.11
N ALA A 127 10.35 -11.87 3.10
CA ALA A 127 9.50 -13.06 3.20
C ALA A 127 10.28 -14.28 2.75
N ILE A 128 10.22 -15.35 3.55
CA ILE A 128 10.92 -16.58 3.21
C ILE A 128 10.19 -17.28 2.08
N ILE A 129 10.93 -17.66 1.04
CA ILE A 129 10.36 -18.20 -0.19
C ILE A 129 10.64 -19.69 -0.26
N CYS A 130 9.60 -20.47 -0.50
CA CYS A 130 9.71 -21.90 -0.79
C CYS A 130 9.12 -22.16 -2.17
N LYS A 131 9.72 -23.10 -2.90
CA LYS A 131 9.34 -23.31 -4.29
C LYS A 131 7.90 -23.78 -4.43
N ASN A 132 7.41 -24.58 -3.47
CA ASN A 132 6.07 -25.15 -3.54
C ASN A 132 5.01 -24.28 -2.85
N ILE A 133 5.34 -23.02 -2.55
CA ILE A 133 4.41 -22.09 -1.93
C ILE A 133 4.18 -20.94 -2.91
N PRO A 134 2.94 -20.61 -3.25
CA PRO A 134 2.71 -19.55 -4.25
C PRO A 134 3.14 -18.19 -3.72
N ARG A 135 3.80 -17.43 -4.59
CA ARG A 135 4.17 -16.05 -4.30
C ARG A 135 3.17 -15.09 -4.95
N LEU A 136 3.30 -13.82 -4.61
CA LEU A 136 2.49 -12.78 -5.26
C LEU A 136 2.81 -12.71 -6.74
N VAL A 137 4.07 -12.47 -7.07
CA VAL A 137 4.54 -12.53 -8.45
C VAL A 137 5.05 -13.93 -8.72
N SER A 138 4.44 -14.62 -9.68
CA SER A 138 4.80 -16.01 -9.96
C SER A 138 6.29 -16.16 -10.20
N GLY A 139 6.92 -15.17 -10.82
CA GLY A 139 8.31 -15.29 -11.23
C GLY A 139 9.33 -15.12 -10.13
N TRP A 140 8.91 -14.64 -8.96
CA TRP A 140 9.86 -14.39 -7.87
C TRP A 140 10.53 -15.69 -7.43
N VAL A 141 11.83 -15.82 -7.71
CA VAL A 141 12.60 -16.95 -7.29
C VAL A 141 13.51 -16.65 -6.10
N LYS A 142 14.04 -15.44 -5.98
CA LYS A 142 14.84 -15.00 -4.86
C LYS A 142 14.06 -14.00 -4.01
N PRO A 143 14.47 -13.78 -2.76
CA PRO A 143 13.74 -12.88 -1.88
C PRO A 143 13.87 -11.43 -2.32
N ILE A 144 13.00 -10.60 -1.74
CA ILE A 144 13.04 -9.15 -1.92
C ILE A 144 13.07 -8.53 -0.53
N ILE A 145 14.12 -7.78 -0.23
CA ILE A 145 14.29 -7.13 1.07
C ILE A 145 13.86 -5.68 0.94
N ILE A 146 12.74 -5.34 1.59
CA ILE A 146 12.22 -3.98 1.60
C ILE A 146 12.69 -3.28 2.87
N GLY A 147 13.14 -2.05 2.73
CA GLY A 147 13.66 -1.29 3.86
C GLY A 147 13.07 0.11 3.92
N GLN A 148 12.69 0.51 5.13
CA GLN A 148 12.28 1.87 5.44
C GLN A 148 13.00 2.33 6.70
N HIS A 149 13.23 3.63 6.80
CA HIS A 149 13.99 4.17 7.92
C HIS A 149 13.09 4.37 9.13
N ALA A 150 13.64 4.07 10.31
CA ALA A 150 12.91 4.23 11.56
C ALA A 150 12.87 5.69 11.99
N TYR A 151 12.91 6.61 11.02
CA TYR A 151 12.83 8.03 11.28
C TYR A 151 14.01 8.52 12.12
N TYR A 155 7.14 11.25 15.24
CA TYR A 155 7.12 11.80 13.88
C TYR A 155 7.97 13.06 13.78
N ARG A 156 8.07 13.78 14.89
CA ARG A 156 8.76 15.07 14.92
C ARG A 156 8.22 15.98 13.82
N ALA A 157 6.90 16.19 13.86
CA ALA A 157 6.19 17.03 12.91
C ALA A 157 5.27 17.97 13.66
N THR A 158 5.20 19.22 13.20
CA THR A 158 4.47 20.27 13.90
C THR A 158 3.18 20.55 13.15
N ASP A 159 2.10 19.92 13.59
CA ASP A 159 0.77 20.19 13.09
C ASP A 159 0.02 21.08 14.07
N PHE A 160 -0.91 21.87 13.54
CA PHE A 160 -1.70 22.78 14.37
C PHE A 160 -2.99 23.12 13.63
N VAL A 161 -3.94 23.66 14.39
CA VAL A 161 -5.23 24.07 13.85
C VAL A 161 -5.12 25.49 13.33
N VAL A 162 -5.58 25.71 12.10
CA VAL A 162 -5.71 27.06 11.57
C VAL A 162 -7.10 27.54 11.96
N PRO A 163 -7.24 28.37 13.00
CA PRO A 163 -8.58 28.67 13.52
C PRO A 163 -9.44 29.45 12.56
N GLY A 164 -8.86 30.26 11.68
CA GLY A 164 -9.63 31.05 10.75
C GLY A 164 -8.80 31.57 9.60
N PRO A 165 -9.41 32.44 8.77
CA PRO A 165 -8.70 32.96 7.60
C PRO A 165 -7.37 33.61 7.96
N GLY A 166 -6.45 33.57 7.02
CA GLY A 166 -5.12 34.11 7.21
C GLY A 166 -4.09 33.33 6.42
N LYS A 167 -2.87 33.86 6.43
CA LYS A 167 -1.76 33.27 5.68
C LYS A 167 -1.00 32.28 6.55
N VAL A 168 -0.78 31.08 6.03
CA VAL A 168 0.15 30.12 6.62
C VAL A 168 1.40 30.10 5.75
N GLU A 169 2.55 30.36 6.37
CA GLU A 169 3.81 30.46 5.64
C GLU A 169 4.88 29.66 6.37
N ILE A 170 5.86 29.18 5.61
CA ILE A 170 6.99 28.44 6.14
C ILE A 170 8.26 29.09 5.64
N THR A 171 9.17 29.41 6.57
CA THR A 171 10.33 30.23 6.27
C THR A 171 11.60 29.55 6.77
N TYR A 172 12.68 29.74 6.02
CA TYR A 172 14.02 29.30 6.40
C TYR A 172 14.90 30.52 6.61
N THR A 173 15.71 30.48 7.66
CA THR A 173 16.68 31.54 7.96
C THR A 173 18.01 30.91 8.29
N PRO A 174 19.03 31.05 7.44
CA PRO A 174 20.33 30.44 7.74
C PRO A 174 20.93 31.05 9.00
N SER A 175 21.76 30.24 9.68
CA SER A 175 22.38 30.69 10.93
C SER A 175 23.17 31.98 10.71
N ASP A 176 23.81 32.13 9.55
CA ASP A 176 24.56 33.34 9.25
C ASP A 176 23.67 34.53 8.91
N GLY A 177 22.36 34.34 8.88
CA GLY A 177 21.43 35.45 8.71
C GLY A 177 21.60 36.25 7.43
N THR A 178 22.20 35.67 6.39
CA THR A 178 22.39 36.36 5.13
C THR A 178 21.20 36.21 4.18
N GLN A 179 20.27 35.31 4.48
CA GLN A 179 19.11 35.09 3.62
C GLN A 179 17.86 34.89 4.47
N LYS A 180 16.71 35.05 3.83
CA LYS A 180 15.43 34.66 4.41
C LYS A 180 14.51 34.29 3.27
N VAL A 181 14.03 33.05 3.27
CA VAL A 181 13.13 32.53 2.25
C VAL A 181 11.79 32.24 2.90
N THR A 182 10.72 32.79 2.34
CA THR A 182 9.36 32.55 2.82
C THR A 182 8.55 31.93 1.70
N TYR A 183 7.96 30.77 1.98
CA TYR A 183 7.06 30.09 1.06
C TYR A 183 5.65 30.17 1.60
N LEU A 184 4.70 30.57 0.76
CA LEU A 184 3.30 30.52 1.13
C LEU A 184 2.84 29.07 1.10
N VAL A 185 2.44 28.55 2.26
CA VAL A 185 1.86 27.21 2.30
C VAL A 185 0.43 27.24 1.78
N HIS A 186 -0.35 28.22 2.22
CA HIS A 186 -1.71 28.41 1.73
C HIS A 186 -2.30 29.69 2.32
N ASN A 187 -3.13 30.37 1.54
CA ASN A 187 -3.88 31.53 2.03
C ASN A 187 -5.29 31.05 2.33
N PHE A 188 -5.60 30.87 3.61
CA PHE A 188 -6.95 30.51 4.03
C PHE A 188 -7.84 31.74 3.90
N GLU A 189 -8.74 31.73 2.91
CA GLU A 189 -9.61 32.86 2.66
C GLU A 189 -11.05 32.62 3.06
N GLU A 190 -11.52 31.37 3.02
CA GLU A 190 -12.84 31.00 3.53
C GLU A 190 -12.63 30.02 4.67
N GLY A 191 -12.79 30.51 5.90
CA GLY A 191 -12.68 29.65 7.07
C GLY A 191 -11.26 29.16 7.33
N GLY A 192 -11.18 28.24 8.29
CA GLY A 192 -9.90 27.70 8.71
C GLY A 192 -9.66 26.28 8.27
N GLY A 193 -8.91 25.53 9.08
CA GLY A 193 -8.55 24.17 8.75
C GLY A 193 -7.36 23.69 9.57
N VAL A 194 -6.43 22.98 8.93
CA VAL A 194 -5.24 22.48 9.61
C VAL A 194 -4.03 22.72 8.72
N ALA A 195 -2.86 22.68 9.35
CA ALA A 195 -1.59 22.85 8.65
C ALA A 195 -0.49 22.21 9.50
N MET A 196 0.62 21.90 8.84
CA MET A 196 1.73 21.26 9.55
C MET A 196 3.02 21.49 8.79
N GLY A 197 4.12 21.40 9.51
CA GLY A 197 5.43 21.40 8.90
C GLY A 197 6.23 20.21 9.41
N MET A 198 7.08 19.68 8.53
CA MET A 198 7.93 18.56 8.91
C MET A 198 9.24 18.66 8.15
N TYR A 199 10.26 17.99 8.69
CA TYR A 199 11.62 18.15 8.21
C TYR A 199 12.30 16.78 8.19
N ASN A 200 13.53 16.78 7.70
CA ASN A 200 14.39 15.60 7.72
C ASN A 200 15.84 16.07 7.75
N GLN A 201 16.63 15.45 8.61
CA GLN A 201 18.05 15.78 8.71
C GLN A 201 18.85 14.98 7.69
N ASP A 202 19.94 15.58 7.22
CA ASP A 202 20.83 14.88 6.31
C ASP A 202 21.38 13.61 6.95
N LYS A 203 21.82 13.72 8.22
CA LYS A 203 22.41 12.57 8.91
C LYS A 203 21.44 11.39 8.93
N SER A 204 20.15 11.65 9.12
CA SER A 204 19.18 10.56 9.14
C SER A 204 19.04 9.92 7.76
N ILE A 205 19.10 10.73 6.70
CA ILE A 205 19.06 10.17 5.35
C ILE A 205 20.33 9.37 5.08
N GLU A 206 21.47 9.86 5.55
CA GLU A 206 22.74 9.15 5.33
C GLU A 206 22.73 7.79 6.02
N ASP A 207 22.26 7.74 7.27
CA ASP A 207 22.14 6.47 7.97
C ASP A 207 21.30 5.48 7.16
N PHE A 208 20.12 5.93 6.73
CA PHE A 208 19.27 5.09 5.89
C PHE A 208 20.03 4.51 4.71
N ALA A 209 20.89 5.33 4.09
CA ALA A 209 21.65 4.87 2.93
C ALA A 209 22.76 3.90 3.34
N HIS A 210 23.42 4.17 4.46
CA HIS A 210 24.50 3.29 4.90
C HIS A 210 23.97 1.90 5.22
N SER A 211 22.89 1.83 6.01
CA SER A 211 22.24 0.54 6.25
C SER A 211 21.84 -0.12 4.94
N SER A 212 21.29 0.66 4.00
CA SER A 212 20.78 0.09 2.77
C SER A 212 21.90 -0.47 1.90
N PHE A 213 23.03 0.22 1.83
CA PHE A 213 24.16 -0.27 1.04
C PHE A 213 24.80 -1.47 1.73
N GLN A 214 24.98 -1.41 3.05
CA GLN A 214 25.55 -2.53 3.77
C GLN A 214 24.65 -3.77 3.71
N MET A 215 23.33 -3.56 3.66
CA MET A 215 22.41 -4.68 3.50
C MET A 215 22.60 -5.34 2.15
N ALA A 216 22.71 -4.55 1.09
CA ALA A 216 22.90 -5.11 -0.24
C ALA A 216 24.23 -5.84 -0.36
N LEU A 217 25.26 -5.32 0.31
CA LEU A 217 26.56 -6.00 0.29
C LEU A 217 26.52 -7.29 1.09
N SER A 218 25.89 -7.26 2.28
CA SER A 218 25.81 -8.45 3.11
C SER A 218 25.10 -9.58 2.37
N LYS A 219 23.87 -9.33 1.92
CA LYS A 219 23.11 -10.34 1.19
C LYS A 219 23.59 -10.53 -0.24
N GLY A 220 24.61 -9.77 -0.68
CA GLY A 220 25.16 -9.94 -2.00
C GLY A 220 24.18 -9.70 -3.14
N TRP A 221 23.23 -8.78 -2.95
CA TRP A 221 22.27 -8.47 -4.00
C TRP A 221 22.32 -6.98 -4.34
N PRO A 222 21.68 -6.55 -5.42
CA PRO A 222 21.70 -5.13 -5.78
C PRO A 222 20.66 -4.33 -5.02
N LEU A 223 20.96 -3.05 -4.83
CA LEU A 223 20.13 -2.14 -4.06
C LEU A 223 19.42 -1.17 -4.99
N TYR A 224 18.10 -1.04 -4.81
CA TYR A 224 17.29 -0.10 -5.56
C TYR A 224 16.66 0.89 -4.59
N LEU A 225 16.68 2.17 -4.96
CA LEU A 225 16.01 3.22 -4.20
C LEU A 225 14.88 3.81 -5.05
N SER A 226 13.68 3.83 -4.49
CA SER A 226 12.51 4.36 -5.17
C SER A 226 12.04 5.61 -4.45
N THR A 227 11.72 6.65 -5.22
CA THR A 227 11.22 7.91 -4.68
C THR A 227 10.03 8.36 -5.52
N LYS A 228 9.44 9.47 -5.10
CA LYS A 228 8.39 10.13 -5.87
C LYS A 228 8.83 11.54 -6.20
N ASN A 229 10.01 11.67 -6.81
CA ASN A 229 10.58 12.98 -7.12
C ASN A 229 9.75 13.79 -8.10
N THR A 230 8.73 13.18 -8.70
CA THR A 230 7.84 13.92 -9.61
C THR A 230 6.91 14.86 -8.87
N ILE A 231 6.79 14.74 -7.55
CA ILE A 231 5.93 15.59 -6.75
C ILE A 231 6.79 16.36 -5.76
N LEU A 232 7.27 15.68 -4.72
CA LEU A 232 8.20 16.26 -3.76
C LEU A 232 9.61 16.29 -4.34
N LYS A 233 9.74 16.96 -5.49
CA LYS A 233 11.02 16.96 -6.21
C LYS A 233 12.18 17.29 -5.28
N LYS A 234 12.01 18.31 -4.43
CA LYS A 234 13.09 18.72 -3.53
C LYS A 234 13.27 17.73 -2.39
N TYR A 235 12.17 17.32 -1.75
CA TYR A 235 12.27 16.40 -0.64
C TYR A 235 12.90 15.08 -1.07
N ASP A 236 12.32 14.43 -2.07
CA ASP A 236 12.84 13.14 -2.53
C ASP A 236 14.16 13.29 -3.28
N GLY A 237 14.35 14.41 -3.98
CA GLY A 237 15.61 14.64 -4.64
C GLY A 237 16.79 14.64 -3.69
N ARG A 238 16.58 15.10 -2.45
CA ARG A 238 17.65 15.05 -1.45
C ARG A 238 18.03 13.60 -1.15
N PHE A 239 17.03 12.71 -1.07
CA PHE A 239 17.32 11.30 -0.86
C PHE A 239 18.14 10.74 -2.02
N LYS A 240 17.68 10.96 -3.25
CA LYS A 240 18.39 10.50 -4.43
C LYS A 240 19.85 10.93 -4.40
N ASP A 241 20.10 12.20 -4.07
CA ASP A 241 21.47 12.72 -4.08
C ASP A 241 22.30 12.09 -2.97
N ILE A 242 21.76 12.01 -1.76
CA ILE A 242 22.53 11.47 -0.64
C ILE A 242 22.92 10.02 -0.91
N PHE A 243 22.02 9.26 -1.54
CA PHE A 243 22.35 7.88 -1.89
C PHE A 243 23.46 7.83 -2.93
N GLN A 244 23.30 8.57 -4.02
CA GLN A 244 24.32 8.58 -5.08
C GLN A 244 25.67 9.02 -4.53
N GLU A 245 25.68 10.02 -3.65
CA GLU A 245 26.94 10.46 -3.06
C GLU A 245 27.62 9.33 -2.29
N ILE A 246 26.88 8.66 -1.41
CA ILE A 246 27.47 7.61 -0.59
C ILE A 246 27.92 6.44 -1.45
N TYR A 247 27.09 6.06 -2.43
CA TYR A 247 27.46 4.97 -3.33
C TYR A 247 28.78 5.26 -4.03
N ASP A 248 28.81 6.34 -4.82
CA ASP A 248 30.01 6.69 -5.58
C ASP A 248 31.21 6.98 -4.70
N LYS A 249 31.03 7.12 -3.38
CA LYS A 249 32.13 7.46 -2.48
C LYS A 249 32.71 6.23 -1.80
N GLN A 250 31.92 5.53 -0.99
CA GLN A 250 32.42 4.43 -0.17
C GLN A 250 31.87 3.07 -0.53
N TYR A 251 31.09 2.94 -1.59
CA TYR A 251 30.43 1.65 -1.78
C TYR A 251 30.54 1.09 -3.20
N LYS A 252 30.49 1.95 -4.22
CA LYS A 252 30.55 1.52 -5.62
C LYS A 252 31.55 0.38 -5.82
N SER A 253 32.71 0.48 -5.17
CA SER A 253 33.76 -0.52 -5.35
C SER A 253 33.27 -1.92 -5.01
N GLN A 254 32.87 -2.13 -3.76
CA GLN A 254 32.42 -3.46 -3.34
C GLN A 254 31.28 -3.96 -4.23
N PHE A 255 30.39 -3.06 -4.65
CA PHE A 255 29.26 -3.47 -5.47
C PHE A 255 29.72 -4.05 -6.81
N GLU A 256 30.56 -3.32 -7.53
CA GLU A 256 31.09 -3.84 -8.78
C GLU A 256 31.83 -5.15 -8.57
N ALA A 257 32.42 -5.33 -7.39
CA ALA A 257 33.14 -6.57 -7.10
C ALA A 257 32.18 -7.77 -7.08
N GLN A 258 31.06 -7.63 -6.37
CA GLN A 258 30.09 -8.72 -6.25
C GLN A 258 29.02 -8.69 -7.32
N LYS A 259 29.32 -8.12 -8.49
CA LYS A 259 28.39 -8.03 -9.61
C LYS A 259 27.13 -7.26 -9.29
N ILE A 260 27.07 -6.61 -8.13
CA ILE A 260 25.90 -5.88 -7.70
C ILE A 260 26.09 -4.39 -8.01
N TRP A 261 25.02 -3.62 -7.82
CA TRP A 261 25.03 -2.20 -8.15
C TRP A 261 24.00 -1.49 -7.31
N TYR A 262 23.96 -0.16 -7.45
CA TYR A 262 22.90 0.67 -6.91
C TYR A 262 22.25 1.44 -8.04
N GLU A 263 20.93 1.61 -7.97
CA GLU A 263 20.19 2.28 -9.01
C GLU A 263 18.93 2.91 -8.41
N HIS A 264 18.68 4.16 -8.79
CA HIS A 264 17.47 4.85 -8.36
C HIS A 264 16.33 4.55 -9.33
N ARG A 265 15.12 4.45 -8.79
CA ARG A 265 13.94 4.11 -9.56
C ARG A 265 12.79 5.02 -9.14
N LEU A 266 11.94 5.37 -10.10
CA LEU A 266 10.66 5.95 -9.74
C LEU A 266 9.71 4.84 -9.29
N ILE A 267 8.68 5.22 -8.53
CA ILE A 267 7.77 4.22 -7.98
C ILE A 267 7.20 3.33 -9.06
N ASP A 268 7.01 3.88 -10.28
CA ASP A 268 6.45 3.09 -11.37
C ASP A 268 7.50 2.16 -11.98
N ASP A 269 8.66 2.72 -12.36
CA ASP A 269 9.74 1.89 -12.90
C ASP A 269 10.14 0.80 -11.92
N MET A 270 10.03 1.06 -10.62
CA MET A 270 10.42 0.06 -9.63
C MET A 270 9.41 -1.07 -9.57
N VAL A 271 8.11 -0.74 -9.44
CA VAL A 271 7.09 -1.78 -9.40
C VAL A 271 7.14 -2.62 -10.67
N ALA A 272 7.37 -1.99 -11.82
CA ALA A 272 7.47 -2.72 -13.07
C ALA A 272 8.66 -3.68 -13.04
N GLN A 273 9.86 -3.14 -12.77
CA GLN A 273 11.05 -3.98 -12.68
C GLN A 273 10.89 -5.13 -11.71
N ALA A 274 9.99 -5.00 -10.72
CA ALA A 274 9.76 -6.08 -9.77
C ALA A 274 8.89 -7.18 -10.38
N MET A 275 7.82 -6.80 -11.10
CA MET A 275 6.95 -7.80 -11.70
C MET A 275 7.69 -8.65 -12.72
N LYS A 276 8.66 -8.06 -13.43
CA LYS A 276 9.44 -8.79 -14.41
C LYS A 276 10.65 -9.50 -13.81
N SER A 277 11.06 -9.11 -12.61
CA SER A 277 12.31 -9.60 -12.04
C SER A 277 12.11 -10.94 -11.33
N GLU A 278 13.23 -11.56 -10.98
CA GLU A 278 13.26 -12.80 -10.21
C GLU A 278 13.51 -12.55 -8.73
N GLY A 279 13.35 -11.32 -8.27
CA GLY A 279 13.69 -10.99 -6.90
C GLY A 279 15.20 -10.93 -6.73
N GLY A 280 15.61 -10.96 -5.46
CA GLY A 280 17.03 -10.92 -5.15
C GLY A 280 17.62 -9.53 -5.13
N PHE A 281 16.91 -8.56 -4.56
CA PHE A 281 17.38 -7.19 -4.51
C PHE A 281 16.84 -6.51 -3.26
N ILE A 282 17.60 -5.54 -2.75
CA ILE A 282 17.16 -4.70 -1.65
C ILE A 282 16.42 -3.51 -2.22
N TRP A 283 15.31 -3.14 -1.58
CA TRP A 283 14.43 -2.07 -2.06
C TRP A 283 14.27 -1.05 -0.93
N ALA A 284 14.92 0.10 -1.07
CA ALA A 284 14.82 1.17 -0.08
C ALA A 284 13.67 2.11 -0.46
N CYS A 285 12.80 2.38 0.50
CA CYS A 285 11.61 3.18 0.28
C CYS A 285 11.61 4.41 1.19
N LYS A 286 11.02 5.49 0.69
CA LYS A 286 10.80 6.68 1.51
C LYS A 286 9.31 6.84 1.79
N ASN A 287 8.69 5.76 2.27
CA ASN A 287 7.25 5.79 2.53
C ASN A 287 6.92 6.79 3.62
N TYR A 288 5.63 7.13 3.71
CA TYR A 288 5.15 8.08 4.71
C TYR A 288 4.04 7.48 5.55
N GLN A 299 4.06 -6.88 3.27
CA GLN A 299 3.00 -6.67 4.25
C GLN A 299 1.69 -7.31 3.79
N GLY A 300 1.74 -8.02 2.66
CA GLY A 300 0.54 -8.57 2.08
C GLY A 300 0.59 -10.06 1.78
N TYR A 301 0.95 -10.41 0.54
CA TYR A 301 0.86 -11.80 0.10
C TYR A 301 1.81 -12.68 0.90
N GLY A 302 1.52 -13.98 0.88
CA GLY A 302 2.28 -14.94 1.65
C GLY A 302 1.86 -14.94 3.10
N SER A 303 1.74 -16.13 3.70
CA SER A 303 1.36 -16.23 5.10
C SER A 303 2.25 -15.35 5.96
N LEU A 304 1.66 -14.79 7.02
CA LEU A 304 2.44 -13.96 7.93
C LEU A 304 3.56 -14.73 8.62
N GLY A 305 3.42 -16.05 8.73
CA GLY A 305 4.44 -16.89 9.34
C GLY A 305 5.72 -17.03 8.55
N MET A 306 5.77 -16.45 7.34
CA MET A 306 6.96 -16.52 6.49
C MET A 306 7.73 -15.21 6.46
N MET A 307 7.27 -14.19 7.18
CA MET A 307 7.82 -12.85 7.08
C MET A 307 8.80 -12.59 8.23
N THR A 308 9.99 -12.10 7.89
CA THR A 308 11.02 -11.80 8.86
C THR A 308 11.31 -10.31 8.87
N SER A 309 11.82 -9.84 10.01
CA SER A 309 12.17 -8.44 10.19
C SER A 309 13.53 -8.34 10.88
N VAL A 310 14.28 -7.30 10.52
CA VAL A 310 15.59 -7.08 11.12
C VAL A 310 15.85 -5.59 11.28
N LEU A 311 16.12 -5.16 12.50
CA LEU A 311 16.54 -3.79 12.77
C LEU A 311 18.05 -3.71 12.64
N VAL A 312 18.52 -2.95 11.64
CA VAL A 312 19.95 -2.81 11.36
C VAL A 312 20.36 -1.39 11.73
N CYS A 313 21.31 -1.28 12.65
CA CYS A 313 21.77 0.04 13.04
C CYS A 313 22.78 0.58 12.03
N PRO A 314 22.81 1.89 11.83
CA PRO A 314 23.75 2.45 10.85
C PRO A 314 25.19 2.01 11.07
N ASP A 315 25.60 1.82 12.32
CA ASP A 315 26.97 1.40 12.60
C ASP A 315 27.33 0.07 11.93
N GLY A 316 26.34 -0.71 11.53
CA GLY A 316 26.58 -2.04 10.99
C GLY A 316 26.93 -3.10 12.01
N LYS A 317 27.00 -2.74 13.29
CA LYS A 317 27.39 -3.66 14.35
C LYS A 317 26.20 -4.30 15.06
N THR A 318 25.14 -3.53 15.32
CA THR A 318 24.02 -4.00 16.11
C THR A 318 22.87 -4.44 15.21
N VAL A 319 22.29 -5.59 15.52
CA VAL A 319 21.15 -6.13 14.79
C VAL A 319 20.16 -6.71 15.79
N GLU A 320 18.88 -6.49 15.54
CA GLU A 320 17.80 -7.10 16.30
C GLU A 320 16.84 -7.76 15.33
N ALA A 321 16.68 -9.07 15.45
CA ALA A 321 15.84 -9.85 14.55
C ALA A 321 14.59 -10.33 15.27
N GLU A 322 13.53 -10.54 14.50
CA GLU A 322 12.26 -10.99 15.06
C GLU A 322 11.29 -11.27 13.93
N ALA A 323 10.28 -12.08 14.22
CA ALA A 323 9.24 -12.35 13.24
C ALA A 323 8.41 -11.09 13.00
N ALA A 324 7.90 -10.96 11.78
CA ALA A 324 7.10 -9.80 11.41
C ALA A 324 5.65 -9.90 11.87
N HIS A 325 5.20 -11.06 12.33
CA HIS A 325 3.83 -11.23 12.77
C HIS A 325 3.72 -10.98 14.28
N GLY A 326 2.55 -11.26 14.85
CA GLY A 326 2.29 -11.02 16.25
C GLY A 326 2.24 -12.30 17.06
N THR A 327 1.61 -12.19 18.23
CA THR A 327 1.56 -13.31 19.17
C THR A 327 0.60 -14.42 18.73
N VAL A 328 -0.21 -14.18 17.70
CA VAL A 328 -1.15 -15.17 17.21
C VAL A 328 -2.15 -15.52 18.31
N THR A 329 -2.85 -14.50 18.81
CA THR A 329 -3.79 -14.70 19.91
C THR A 329 -4.80 -15.79 19.60
N ARG A 330 -5.34 -15.79 18.37
CA ARG A 330 -6.39 -16.75 18.03
C ARG A 330 -5.91 -18.19 18.19
N HIS A 331 -4.72 -18.49 17.67
CA HIS A 331 -4.18 -19.84 17.83
C HIS A 331 -3.95 -20.14 19.31
N TYR A 332 -3.52 -19.13 20.09
CA TYR A 332 -3.35 -19.34 21.52
C TYR A 332 -4.68 -19.65 22.20
N ARG A 333 -5.78 -19.05 21.74
CA ARG A 333 -7.09 -19.36 22.31
C ARG A 333 -7.47 -20.81 22.08
N MET A 334 -7.15 -21.34 20.90
CA MET A 334 -7.37 -22.77 20.64
C MET A 334 -6.56 -23.62 21.60
N TYR A 335 -5.26 -23.31 21.73
CA TYR A 335 -4.39 -24.03 22.65
C TYR A 335 -4.99 -24.04 24.06
N GLN A 336 -5.42 -22.88 24.55
CA GLN A 336 -6.00 -22.81 25.89
C GLN A 336 -7.21 -23.71 26.02
N LYS A 337 -8.02 -23.81 24.96
CA LYS A 337 -9.18 -24.71 24.97
C LYS A 337 -8.79 -26.16 24.75
N GLY A 338 -7.52 -26.46 24.50
CA GLY A 338 -7.09 -27.82 24.23
C GLY A 338 -7.29 -28.27 22.80
N GLN A 339 -7.52 -27.36 21.86
CA GLN A 339 -7.69 -27.72 20.47
C GLN A 339 -6.34 -27.74 19.76
N GLU A 340 -6.21 -28.66 18.81
CA GLU A 340 -5.04 -28.73 17.95
C GLU A 340 -4.77 -27.37 17.31
N THR A 341 -3.51 -26.97 17.29
CA THR A 341 -3.08 -25.76 16.61
C THR A 341 -2.07 -26.11 15.53
N SER A 342 -1.98 -25.26 14.52
CA SER A 342 -0.99 -25.40 13.44
C SER A 342 -0.43 -24.00 13.20
N THR A 343 0.58 -23.64 13.98
CA THR A 343 1.18 -22.32 13.93
C THR A 343 2.56 -22.41 13.29
N ASN A 344 2.85 -21.48 12.38
CA ASN A 344 4.07 -21.53 11.59
C ASN A 344 5.24 -20.97 12.40
N PRO A 345 6.27 -21.76 12.68
CA PRO A 345 7.41 -21.26 13.46
C PRO A 345 8.55 -20.68 12.63
N ILE A 346 8.38 -20.56 11.31
CA ILE A 346 9.50 -20.23 10.44
C ILE A 346 10.00 -18.82 10.73
N ALA A 347 9.11 -17.83 10.75
CA ALA A 347 9.54 -16.46 11.02
C ALA A 347 10.28 -16.39 12.35
N SER A 348 9.76 -17.04 13.39
CA SER A 348 10.45 -17.07 14.68
C SER A 348 11.81 -17.73 14.54
N ILE A 349 11.87 -18.88 13.85
CA ILE A 349 13.14 -19.57 13.66
C ILE A 349 14.14 -18.66 12.97
N PHE A 350 13.71 -17.99 11.90
CA PHE A 350 14.63 -17.15 11.14
C PHE A 350 15.09 -15.94 11.95
N ALA A 351 14.34 -15.54 12.98
CA ALA A 351 14.85 -14.54 13.90
C ALA A 351 16.09 -15.03 14.61
N TRP A 352 16.11 -16.32 15.00
CA TRP A 352 17.29 -16.89 15.65
C TRP A 352 18.45 -17.04 14.67
N THR A 353 18.17 -17.57 13.48
CA THR A 353 19.24 -17.78 12.50
C THR A 353 19.90 -16.46 12.12
N ARG A 354 19.11 -15.43 11.87
CA ARG A 354 19.68 -14.13 11.54
C ARG A 354 20.54 -13.60 12.68
N GLY A 355 19.99 -13.64 13.90
CA GLY A 355 20.76 -13.19 15.05
C GLY A 355 22.05 -13.98 15.23
N LEU A 356 21.95 -15.30 15.16
CA LEU A 356 23.15 -16.14 15.27
C LEU A 356 24.09 -15.90 14.10
N ALA A 357 23.55 -15.73 12.89
CA ALA A 357 24.39 -15.42 11.74
C ALA A 357 25.20 -14.15 11.98
N HIS A 358 24.53 -13.08 12.42
CA HIS A 358 25.24 -11.84 12.69
C HIS A 358 26.24 -12.02 13.82
N ARG A 359 25.85 -12.74 14.88
CA ARG A 359 26.78 -13.01 15.96
C ARG A 359 28.02 -13.73 15.44
N ALA A 360 27.83 -14.70 14.54
CA ALA A 360 28.96 -15.42 13.97
C ALA A 360 29.84 -14.49 13.14
N LYS A 361 29.23 -13.61 12.36
CA LYS A 361 30.00 -12.65 11.59
C LYS A 361 30.84 -11.75 12.50
N LEU A 362 30.25 -11.33 13.62
CA LEU A 362 30.97 -10.45 14.53
C LEU A 362 32.15 -11.17 15.19
N ASP A 363 31.98 -12.45 15.52
CA ASP A 363 32.99 -13.21 16.25
C ASP A 363 33.90 -14.03 15.34
N ASN A 364 33.71 -13.97 14.03
CA ASN A 364 34.45 -14.84 13.10
C ASN A 364 34.28 -16.30 13.51
N ASN A 365 33.05 -16.66 13.86
CA ASN A 365 32.72 -17.99 14.37
C ASN A 365 32.16 -18.81 13.21
N LYS A 366 33.06 -19.51 12.51
CA LYS A 366 32.65 -20.27 11.33
C LYS A 366 31.68 -21.39 11.69
N GLU A 367 31.83 -22.01 12.87
CA GLU A 367 30.97 -23.12 13.25
C GLU A 367 29.55 -22.64 13.50
N LEU A 368 29.39 -21.55 14.25
CA LEU A 368 28.07 -20.97 14.46
C LEU A 368 27.46 -20.53 13.14
N ALA A 369 28.25 -19.86 12.30
CA ALA A 369 27.76 -19.43 10.99
C ALA A 369 27.26 -20.62 10.18
N PHE A 370 27.98 -21.75 10.24
CA PHE A 370 27.53 -22.93 9.52
C PHE A 370 26.20 -23.44 10.08
N PHE A 371 26.06 -23.41 11.40
CA PHE A 371 24.81 -23.87 12.02
C PHE A 371 23.64 -23.00 11.59
N ALA A 372 23.80 -21.68 11.67
CA ALA A 372 22.70 -20.77 11.33
C ALA A 372 22.20 -21.03 9.92
N ASN A 373 23.11 -21.18 8.96
CA ASN A 373 22.70 -21.44 7.59
C ASN A 373 22.06 -22.82 7.45
N ALA A 374 22.66 -23.83 8.09
CA ALA A 374 22.08 -25.17 8.04
C ALA A 374 20.65 -25.18 8.54
N LEU A 375 20.39 -24.46 9.64
CA LEU A 375 19.03 -24.40 10.17
C LEU A 375 18.08 -23.75 9.18
N GLU A 376 18.53 -22.69 8.50
CA GLU A 376 17.70 -22.06 7.49
C GLU A 376 17.42 -23.01 6.34
N GLU A 377 18.45 -23.72 5.87
CA GLU A 377 18.27 -24.70 4.80
C GLU A 377 17.26 -25.76 5.20
N VAL A 378 17.35 -26.26 6.43
CA VAL A 378 16.48 -27.36 6.86
C VAL A 378 15.02 -26.91 6.87
N SER A 379 14.76 -25.71 7.39
CA SER A 379 13.39 -25.22 7.44
C SER A 379 12.76 -25.21 6.05
N ILE A 380 13.46 -24.62 5.08
CA ILE A 380 12.92 -24.54 3.73
C ILE A 380 12.83 -25.93 3.10
N GLU A 381 13.85 -26.76 3.32
CA GLU A 381 13.83 -28.10 2.75
C GLU A 381 12.64 -28.91 3.26
N THR A 382 12.35 -28.81 4.56
CA THR A 382 11.20 -29.54 5.10
C THR A 382 9.90 -29.11 4.44
N ILE A 383 9.68 -27.80 4.34
CA ILE A 383 8.46 -27.30 3.71
C ILE A 383 8.41 -27.72 2.25
N GLU A 384 9.53 -27.56 1.54
CA GLU A 384 9.56 -27.93 0.12
C GLU A 384 9.41 -29.44 -0.08
N ALA A 385 9.63 -30.24 0.96
CA ALA A 385 9.42 -31.68 0.89
C ALA A 385 7.98 -32.07 1.22
N GLY A 386 7.10 -31.09 1.42
CA GLY A 386 5.70 -31.36 1.64
C GLY A 386 5.24 -31.39 3.08
N PHE A 387 6.13 -31.21 4.05
CA PHE A 387 5.76 -31.16 5.46
C PHE A 387 5.62 -29.71 5.88
N MET A 388 4.43 -29.32 6.29
CA MET A 388 4.13 -27.91 6.51
C MET A 388 2.90 -27.77 7.41
N THR A 389 2.75 -26.59 7.98
CA THR A 389 1.62 -26.27 8.82
C THR A 389 0.44 -25.80 7.97
N LYS A 390 -0.71 -25.59 8.63
CA LYS A 390 -1.95 -25.38 7.91
C LYS A 390 -1.89 -24.13 7.02
N ASP A 391 -1.33 -23.03 7.53
CA ASP A 391 -1.29 -21.80 6.77
C ASP A 391 -0.68 -22.02 5.38
N LEU A 392 0.43 -22.74 5.31
CA LEU A 392 1.08 -22.98 4.03
C LEU A 392 0.25 -23.90 3.15
N ALA A 393 -0.31 -24.97 3.74
CA ALA A 393 -1.21 -25.83 2.97
C ALA A 393 -2.35 -25.01 2.36
N ALA A 394 -2.92 -24.09 3.12
CA ALA A 394 -3.99 -23.25 2.60
C ALA A 394 -3.52 -22.42 1.42
N CYS A 395 -2.32 -21.84 1.51
CA CYS A 395 -1.78 -21.07 0.40
C CYS A 395 -1.77 -21.89 -0.88
N ILE A 396 -1.37 -23.16 -0.78
CA ILE A 396 -1.31 -24.02 -1.96
C ILE A 396 -2.71 -24.34 -2.47
N LYS A 397 -3.53 -24.95 -1.62
CA LYS A 397 -4.77 -25.58 -2.05
C LYS A 397 -6.01 -24.71 -1.85
N GLY A 398 -5.91 -23.61 -1.11
CA GLY A 398 -7.09 -22.84 -0.77
C GLY A 398 -7.77 -23.40 0.46
N LEU A 399 -8.11 -22.52 1.40
CA LEU A 399 -8.55 -22.99 2.71
C LEU A 399 -9.73 -23.96 2.65
N PRO A 400 -10.78 -23.73 1.86
CA PRO A 400 -11.91 -24.67 1.85
C PRO A 400 -11.54 -26.09 1.44
N ASN A 401 -10.36 -26.32 0.85
CA ASN A 401 -9.98 -27.62 0.34
C ASN A 401 -8.86 -28.30 1.13
N VAL A 402 -8.31 -27.64 2.15
CA VAL A 402 -7.24 -28.26 2.92
C VAL A 402 -7.81 -29.40 3.75
N GLN A 403 -7.11 -30.53 3.76
CA GLN A 403 -7.47 -31.69 4.56
C GLN A 403 -6.43 -31.90 5.65
N ARG A 404 -6.85 -32.54 6.74
CA ARG A 404 -5.96 -32.73 7.88
C ARG A 404 -4.66 -33.41 7.46
N SER A 405 -4.73 -34.33 6.50
CA SER A 405 -3.53 -35.01 6.03
C SER A 405 -2.63 -34.13 5.17
N ASP A 406 -3.03 -32.89 4.91
CA ASP A 406 -2.24 -31.97 4.10
C ASP A 406 -1.18 -31.21 4.90
N TYR A 407 -1.21 -31.29 6.22
CA TYR A 407 -0.33 -30.46 7.03
C TYR A 407 -0.04 -31.15 8.36
N LEU A 408 0.87 -30.56 9.12
CA LEU A 408 1.23 -31.01 10.45
C LEU A 408 0.81 -29.97 11.49
N ASN A 409 0.51 -30.42 12.70
CA ASN A 409 0.21 -29.47 13.76
C ASN A 409 1.50 -28.90 14.34
N THR A 410 1.36 -27.89 15.20
CA THR A 410 2.50 -27.14 15.68
C THR A 410 3.61 -28.05 16.19
N PHE A 411 3.27 -29.03 17.03
CA PHE A 411 4.28 -29.89 17.61
C PHE A 411 4.81 -30.92 16.62
N GLU A 412 3.96 -31.40 15.70
CA GLU A 412 4.44 -32.32 14.67
C GLU A 412 5.47 -31.64 13.78
N PHE A 413 5.21 -30.39 13.37
CA PHE A 413 6.15 -29.70 12.49
C PHE A 413 7.48 -29.45 13.19
N MET A 414 7.45 -28.99 14.44
CA MET A 414 8.69 -28.81 15.18
C MET A 414 9.44 -30.14 15.32
N ASP A 415 8.71 -31.24 15.53
CA ASP A 415 9.35 -32.55 15.57
C ASP A 415 10.06 -32.85 14.27
N LYS A 416 9.39 -32.60 13.14
CA LYS A 416 9.98 -32.91 11.84
C LYS A 416 11.19 -32.02 11.58
N LEU A 417 11.12 -30.75 11.97
CA LEU A 417 12.27 -29.86 11.81
C LEU A 417 13.46 -30.36 12.61
N GLY A 418 13.24 -30.71 13.87
CA GLY A 418 14.31 -31.23 14.69
C GLY A 418 14.90 -32.51 14.12
N GLU A 419 14.06 -33.39 13.60
CA GLU A 419 14.54 -34.63 13.01
C GLU A 419 15.43 -34.36 11.81
N ASN A 420 15.01 -33.45 10.93
CA ASN A 420 15.81 -33.12 9.76
C ASN A 420 17.05 -32.31 10.13
N LEU A 421 16.98 -31.55 11.23
CA LEU A 421 18.17 -30.84 11.68
C LEU A 421 19.24 -31.82 12.14
N LYS A 422 18.86 -32.80 12.96
CA LYS A 422 19.83 -33.81 13.41
C LYS A 422 20.46 -34.52 12.22
N ILE A 423 19.63 -34.97 11.28
CA ILE A 423 20.14 -35.63 10.08
C ILE A 423 21.13 -34.72 9.36
N LYS A 424 20.70 -33.48 9.08
CA LYS A 424 21.53 -32.57 8.29
C LYS A 424 22.87 -32.32 8.95
N LEU A 425 22.89 -32.08 10.26
CA LEU A 425 24.15 -31.80 10.94
C LEU A 425 25.05 -33.03 10.95
N ALA A 426 24.50 -34.19 11.27
CA ALA A 426 25.31 -35.41 11.27
C ALA A 426 25.85 -35.71 9.88
N GLN A 427 25.02 -35.56 8.85
CA GLN A 427 25.47 -35.82 7.48
C GLN A 427 26.59 -34.86 7.09
N ALA A 428 26.48 -33.59 7.48
CA ALA A 428 27.54 -32.64 7.19
C ALA A 428 28.87 -33.08 7.80
N LYS A 429 28.82 -33.80 8.93
CA LYS A 429 30.04 -34.28 9.55
C LYS A 429 30.78 -35.27 8.65
N LEU A 430 30.06 -35.94 7.75
CA LEU A 430 30.68 -36.88 6.82
C LEU A 430 30.53 -36.41 5.37
N LYS B 19 -38.70 -0.12 -29.38
CA LYS B 19 -38.02 1.17 -29.24
C LYS B 19 -36.88 1.08 -28.22
N LYS B 20 -35.94 2.00 -28.33
CA LYS B 20 -34.81 2.06 -27.42
C LYS B 20 -35.19 2.80 -26.14
N ILE B 21 -34.31 2.70 -25.13
CA ILE B 21 -34.51 3.39 -23.87
C ILE B 21 -34.20 4.87 -24.03
N SER B 22 -34.95 5.70 -23.32
CA SER B 22 -34.73 7.15 -23.32
C SER B 22 -33.80 7.47 -22.16
N GLY B 23 -32.53 7.72 -22.48
CA GLY B 23 -31.52 7.84 -21.42
C GLY B 23 -31.40 9.21 -20.80
N GLY B 24 -31.77 10.25 -21.53
CA GLY B 24 -31.64 11.59 -21.00
C GLY B 24 -30.30 12.25 -21.31
N SER B 25 -29.86 13.16 -20.44
CA SER B 25 -28.69 13.99 -20.71
C SER B 25 -27.44 13.33 -20.11
N VAL B 26 -26.43 13.13 -20.96
CA VAL B 26 -25.15 12.56 -20.55
C VAL B 26 -24.04 13.34 -21.22
N VAL B 27 -23.00 13.67 -20.46
CA VAL B 27 -21.81 14.32 -21.00
C VAL B 27 -20.77 13.24 -21.24
N GLU B 28 -20.31 13.14 -22.49
CA GLU B 28 -19.35 12.13 -22.91
C GLU B 28 -18.08 12.80 -23.40
N MET B 29 -16.93 12.22 -23.05
CA MET B 29 -15.63 12.80 -23.37
C MET B 29 -14.79 11.75 -24.10
N GLN B 30 -14.47 12.03 -25.36
CA GLN B 30 -13.67 11.11 -26.17
C GLN B 30 -12.18 11.29 -25.87
N GLY B 31 -11.44 10.19 -26.01
CA GLY B 31 -10.06 10.15 -25.56
C GLY B 31 -9.04 9.82 -26.64
N ASP B 32 -7.97 9.10 -26.26
CA ASP B 32 -6.82 8.90 -27.12
C ASP B 32 -6.46 7.43 -27.24
N GLU B 33 -5.77 7.12 -28.32
CA GLU B 33 -5.00 5.87 -28.51
C GLU B 33 -5.94 4.67 -28.36
N MET B 34 -5.54 3.62 -27.64
CA MET B 34 -6.33 2.39 -27.61
C MET B 34 -7.72 2.64 -27.02
N THR B 35 -7.79 3.39 -25.92
CA THR B 35 -9.09 3.61 -25.29
C THR B 35 -10.06 4.32 -26.23
N ARG B 36 -9.55 5.15 -27.12
CA ARG B 36 -10.42 5.80 -28.11
C ARG B 36 -11.05 4.75 -29.03
N ILE B 37 -10.24 3.82 -29.54
CA ILE B 37 -10.76 2.73 -30.35
C ILE B 37 -11.86 1.99 -29.60
N ILE B 38 -11.54 1.53 -28.38
CA ILE B 38 -12.48 0.72 -27.61
C ILE B 38 -13.71 1.54 -27.24
N TRP B 39 -13.51 2.82 -26.93
CA TRP B 39 -14.64 3.70 -26.63
C TRP B 39 -15.68 3.67 -27.74
N GLU B 40 -15.24 3.82 -28.98
CA GLU B 40 -16.17 3.82 -30.10
C GLU B 40 -16.86 2.47 -30.26
N LEU B 41 -16.13 1.37 -30.04
CA LEU B 41 -16.73 0.05 -30.10
C LEU B 41 -17.78 -0.12 -29.01
N ILE B 42 -17.55 0.47 -27.84
CA ILE B 42 -18.51 0.37 -26.75
C ILE B 42 -19.81 1.07 -27.14
N LYS B 43 -19.73 2.32 -27.61
CA LYS B 43 -20.93 3.04 -28.01
C LYS B 43 -21.64 2.32 -29.15
N GLU B 44 -20.88 1.79 -30.12
CA GLU B 44 -21.51 1.20 -31.29
C GLU B 44 -22.20 -0.12 -30.97
N LYS B 45 -21.58 -0.95 -30.14
CA LYS B 45 -22.05 -2.32 -29.93
C LYS B 45 -22.89 -2.51 -28.68
N LEU B 46 -22.73 -1.68 -27.65
CA LEU B 46 -23.36 -1.95 -26.36
C LEU B 46 -24.31 -0.86 -25.89
N ILE B 47 -24.09 0.41 -26.24
CA ILE B 47 -24.94 1.49 -25.73
C ILE B 47 -25.97 1.90 -26.77
N PHE B 48 -25.51 2.34 -27.94
CA PHE B 48 -26.42 2.90 -28.93
C PHE B 48 -27.50 1.94 -29.39
N PRO B 49 -27.25 0.64 -29.57
CA PRO B 49 -28.33 -0.27 -29.99
C PRO B 49 -29.50 -0.34 -29.02
N TYR B 50 -29.37 0.22 -27.81
CA TYR B 50 -30.40 0.07 -26.79
C TYR B 50 -30.79 1.35 -26.09
N VAL B 51 -30.00 2.42 -26.18
CA VAL B 51 -30.27 3.65 -25.44
C VAL B 51 -30.13 4.83 -26.39
N GLU B 52 -31.09 5.76 -26.32
CA GLU B 52 -31.00 7.04 -27.00
C GLU B 52 -30.69 8.10 -25.95
N LEU B 53 -29.63 8.88 -26.18
CA LEU B 53 -29.17 9.86 -25.23
C LEU B 53 -29.18 11.25 -25.85
N ASP B 54 -29.47 12.25 -25.01
CA ASP B 54 -29.19 13.64 -25.35
C ASP B 54 -27.71 13.87 -25.08
N LEU B 55 -26.89 13.48 -26.06
CA LEU B 55 -25.45 13.34 -25.86
C LEU B 55 -24.77 14.70 -25.99
N HIS B 56 -24.21 15.18 -24.88
CA HIS B 56 -23.29 16.32 -24.88
C HIS B 56 -21.88 15.73 -25.02
N SER B 57 -21.35 15.77 -26.24
CA SER B 57 -20.14 15.04 -26.59
C SER B 57 -18.99 16.01 -26.85
N TYR B 58 -17.87 15.77 -26.17
CA TYR B 58 -16.68 16.61 -26.31
C TYR B 58 -15.49 15.75 -26.66
N ASP B 59 -14.70 16.21 -27.63
CA ASP B 59 -13.54 15.48 -28.14
C ASP B 59 -12.30 15.94 -27.39
N LEU B 60 -11.90 15.17 -26.37
CA LEU B 60 -10.68 15.47 -25.62
C LEU B 60 -9.46 14.75 -26.18
N GLY B 61 -9.50 14.34 -27.45
CA GLY B 61 -8.30 13.85 -28.08
C GLY B 61 -7.20 14.90 -28.07
N ILE B 62 -5.96 14.44 -27.98
CA ILE B 62 -4.84 15.36 -27.82
C ILE B 62 -4.82 16.41 -28.93
N GLU B 63 -5.15 16.00 -30.16
CA GLU B 63 -5.10 16.94 -31.27
C GLU B 63 -6.15 18.03 -31.12
N ASN B 64 -7.36 17.68 -30.65
CA ASN B 64 -8.40 18.68 -30.53
C ASN B 64 -8.15 19.62 -29.36
N ARG B 65 -7.64 19.09 -28.24
CA ARG B 65 -7.27 19.95 -27.12
C ARG B 65 -6.24 20.98 -27.56
N ASP B 66 -5.23 20.55 -28.32
CA ASP B 66 -4.23 21.48 -28.83
C ASP B 66 -4.86 22.50 -29.77
N ALA B 67 -5.69 22.04 -30.70
CA ALA B 67 -6.27 22.94 -31.70
C ALA B 67 -7.17 23.98 -31.06
N THR B 68 -7.81 23.65 -29.94
CA THR B 68 -8.68 24.58 -29.24
C THR B 68 -7.99 25.26 -28.06
N ASN B 69 -6.70 25.02 -27.87
CA ASN B 69 -5.96 25.57 -26.73
C ASN B 69 -6.58 25.12 -25.41
N ASP B 70 -6.94 23.84 -25.35
CA ASP B 70 -7.55 23.22 -24.17
C ASP B 70 -8.91 23.79 -23.82
N GLN B 71 -9.52 24.58 -24.71
CA GLN B 71 -10.84 25.12 -24.41
C GLN B 71 -11.89 24.01 -24.32
N VAL B 72 -11.73 22.95 -25.12
CA VAL B 72 -12.70 21.85 -25.09
C VAL B 72 -12.73 21.20 -23.71
N THR B 73 -11.56 21.07 -23.08
CA THR B 73 -11.50 20.43 -21.77
C THR B 73 -12.30 21.23 -20.73
N LYS B 74 -12.08 22.54 -20.67
CA LYS B 74 -12.85 23.37 -19.75
C LYS B 74 -14.34 23.28 -20.04
N ASP B 75 -14.71 23.30 -21.33
CA ASP B 75 -16.12 23.23 -21.69
C ASP B 75 -16.75 21.93 -21.21
N ALA B 76 -16.05 20.80 -21.44
CA ALA B 76 -16.56 19.53 -20.96
C ALA B 76 -16.81 19.56 -19.46
N ALA B 77 -15.89 20.17 -18.70
CA ALA B 77 -16.08 20.27 -17.25
C ALA B 77 -17.33 21.06 -16.93
N GLU B 78 -17.55 22.20 -17.61
CA GLU B 78 -18.75 22.99 -17.36
C GLU B 78 -20.02 22.20 -17.68
N ALA B 79 -19.97 21.36 -18.72
CA ALA B 79 -21.15 20.57 -19.08
C ALA B 79 -21.48 19.55 -17.99
N ILE B 80 -20.46 18.88 -17.45
CA ILE B 80 -20.69 17.96 -16.33
C ILE B 80 -21.32 18.71 -15.17
N LYS B 81 -20.77 19.88 -14.83
CA LYS B 81 -21.35 20.71 -13.78
C LYS B 81 -22.82 21.00 -14.08
N LYS B 82 -23.16 21.18 -15.35
CA LYS B 82 -24.52 21.55 -15.72
C LYS B 82 -25.46 20.34 -15.71
N HIS B 83 -24.98 19.19 -16.20
CA HIS B 83 -25.84 18.05 -16.44
C HIS B 83 -25.63 16.89 -15.47
N ASN B 84 -24.65 16.99 -14.56
CA ASN B 84 -24.55 16.09 -13.42
C ASN B 84 -23.89 14.75 -13.72
N VAL B 85 -23.91 14.31 -14.98
CA VAL B 85 -23.42 12.99 -15.35
C VAL B 85 -22.39 13.12 -16.45
N GLY B 86 -21.21 12.53 -16.24
CA GLY B 86 -20.17 12.50 -17.24
C GLY B 86 -19.46 11.17 -17.30
N VAL B 87 -19.15 10.70 -18.51
CA VAL B 87 -18.38 9.49 -18.72
C VAL B 87 -17.22 9.85 -19.64
N LYS B 88 -15.99 9.58 -19.20
CA LYS B 88 -14.80 10.06 -19.86
C LYS B 88 -13.91 8.92 -20.32
N CYS B 89 -13.40 9.04 -21.54
CA CYS B 89 -12.37 8.15 -22.06
C CYS B 89 -11.00 8.64 -21.61
N ALA B 90 -10.06 7.70 -21.49
CA ALA B 90 -8.72 8.05 -21.05
C ALA B 90 -8.05 8.99 -22.06
N THR B 91 -7.28 9.93 -21.56
CA THR B 91 -6.65 10.96 -22.39
C THR B 91 -5.15 10.98 -22.16
N ILE B 92 -4.43 11.40 -23.20
CA ILE B 92 -2.98 11.58 -23.08
C ILE B 92 -2.70 12.81 -22.23
N THR B 93 -1.93 12.63 -21.16
CA THR B 93 -1.38 13.76 -20.44
C THR B 93 -0.02 14.11 -21.04
N PRO B 94 0.15 15.30 -21.61
CA PRO B 94 1.36 15.58 -22.39
C PRO B 94 2.60 15.69 -21.52
N ASP B 95 3.72 15.23 -22.06
CA ASP B 95 5.03 15.47 -21.48
C ASP B 95 5.90 16.01 -22.62
N GLU B 96 7.22 16.02 -22.40
CA GLU B 96 8.12 16.49 -23.46
C GLU B 96 8.03 15.61 -24.70
N LYS B 97 8.02 14.29 -24.50
CA LYS B 97 7.95 13.37 -25.63
C LYS B 97 6.65 13.51 -26.41
N ARG B 98 5.53 13.69 -25.70
CA ARG B 98 4.26 13.91 -26.39
C ARG B 98 4.26 15.24 -27.13
N VAL B 99 4.81 16.29 -26.51
CA VAL B 99 4.94 17.58 -27.19
C VAL B 99 5.68 17.42 -28.51
N GLU B 100 6.70 16.56 -28.54
CA GLU B 100 7.43 16.31 -29.77
C GLU B 100 6.63 15.44 -30.72
N GLU B 101 6.00 14.38 -30.20
CA GLU B 101 5.25 13.47 -31.06
C GLU B 101 4.14 14.18 -31.82
N PHE B 102 3.44 15.09 -31.14
CA PHE B 102 2.31 15.80 -31.74
C PHE B 102 2.60 17.26 -32.05
N LYS B 103 3.82 17.73 -31.78
CA LYS B 103 4.18 19.13 -32.03
C LYS B 103 3.22 20.08 -31.32
N LEU B 104 2.92 19.78 -30.06
CA LEU B 104 1.96 20.56 -29.30
C LEU B 104 2.38 22.03 -29.21
N LYS B 105 1.39 22.90 -29.07
CA LYS B 105 1.68 24.31 -28.83
C LYS B 105 2.32 24.50 -27.46
N GLN B 106 2.06 23.59 -26.53
CA GLN B 106 2.62 23.66 -25.18
C GLN B 106 2.24 22.38 -24.47
N MET B 107 2.75 22.23 -23.24
CA MET B 107 2.53 21.02 -22.44
C MET B 107 1.22 21.18 -21.67
N TRP B 108 0.12 20.84 -22.34
CA TRP B 108 -1.20 21.03 -21.76
C TRP B 108 -1.37 20.21 -20.49
N LYS B 109 -2.05 20.81 -19.51
CA LYS B 109 -2.28 20.13 -18.24
C LYS B 109 -3.22 18.94 -18.42
N SER B 110 -3.04 17.95 -17.55
CA SER B 110 -3.87 16.76 -17.57
C SER B 110 -5.36 17.16 -17.59
N PRO B 111 -6.14 16.65 -18.54
CA PRO B 111 -7.58 16.99 -18.55
C PRO B 111 -8.27 16.63 -17.26
N ASN B 112 -7.89 15.51 -16.64
CA ASN B 112 -8.49 15.14 -15.36
C ASN B 112 -8.20 16.19 -14.30
N GLY B 113 -7.04 16.82 -14.35
CA GLY B 113 -6.75 17.90 -13.43
C GLY B 113 -7.69 19.08 -13.60
N THR B 114 -7.86 19.52 -14.86
CA THR B 114 -8.79 20.61 -15.12
C THR B 114 -10.20 20.29 -14.64
N ILE B 115 -10.67 19.06 -14.91
CA ILE B 115 -12.04 18.71 -14.57
C ILE B 115 -12.21 18.61 -13.06
N ARG B 116 -11.27 17.96 -12.37
CA ARG B 116 -11.35 17.88 -10.93
C ARG B 116 -11.32 19.27 -10.29
N ASN B 117 -10.47 20.15 -10.82
CA ASN B 117 -10.41 21.51 -10.31
C ASN B 117 -11.77 22.20 -10.43
N ILE B 118 -12.46 21.99 -11.55
CA ILE B 118 -13.72 22.69 -11.78
C ILE B 118 -14.85 22.08 -10.96
N LEU B 119 -14.86 20.77 -10.80
CA LEU B 119 -15.97 20.09 -10.14
C LEU B 119 -15.74 19.85 -8.66
N GLY B 120 -14.49 19.68 -8.23
CA GLY B 120 -14.26 19.20 -6.89
C GLY B 120 -14.75 17.77 -6.74
N GLY B 121 -14.81 17.33 -5.49
CA GLY B 121 -15.27 15.99 -5.18
C GLY B 121 -14.13 15.05 -4.82
N THR B 122 -14.51 13.79 -4.58
CA THR B 122 -13.59 12.74 -4.17
C THR B 122 -13.63 11.58 -5.17
N VAL B 123 -12.46 11.07 -5.52
CA VAL B 123 -12.34 9.95 -6.45
C VAL B 123 -12.41 8.65 -5.67
N PHE B 124 -13.22 7.72 -6.14
CA PHE B 124 -13.36 6.39 -5.55
C PHE B 124 -12.92 5.34 -6.55
N ARG B 125 -12.04 4.45 -6.13
CA ARG B 125 -11.52 3.39 -6.97
C ARG B 125 -12.11 2.05 -6.55
N GLU B 126 -12.47 1.23 -7.52
CA GLU B 126 -13.10 -0.05 -7.24
C GLU B 126 -12.69 -1.05 -8.31
N ALA B 127 -12.21 -2.22 -7.89
CA ALA B 127 -11.85 -3.28 -8.80
C ALA B 127 -13.06 -4.19 -9.02
N ILE B 128 -13.28 -4.58 -10.28
CA ILE B 128 -14.39 -5.46 -10.61
C ILE B 128 -13.96 -6.90 -10.39
N ILE B 129 -14.68 -7.60 -9.51
CA ILE B 129 -14.28 -8.92 -9.04
C ILE B 129 -14.99 -9.99 -9.86
N CYS B 130 -14.21 -10.94 -10.40
CA CYS B 130 -14.73 -12.10 -11.09
C CYS B 130 -14.38 -13.35 -10.30
N LYS B 131 -15.35 -14.25 -10.15
CA LYS B 131 -15.15 -15.43 -9.30
C LYS B 131 -13.94 -16.25 -9.73
N ASN B 132 -13.58 -16.21 -11.01
CA ASN B 132 -12.56 -17.09 -11.56
C ASN B 132 -11.21 -16.41 -11.80
N ILE B 133 -11.07 -15.15 -11.41
CA ILE B 133 -9.78 -14.45 -11.49
C ILE B 133 -9.22 -14.33 -10.08
N PRO B 134 -7.96 -14.72 -9.84
CA PRO B 134 -7.41 -14.63 -8.49
C PRO B 134 -7.26 -13.18 -8.05
N ARG B 135 -7.63 -12.91 -6.81
CA ARG B 135 -7.52 -11.59 -6.22
C ARG B 135 -6.45 -11.59 -5.13
N LEU B 136 -6.10 -10.39 -4.68
CA LEU B 136 -5.05 -10.21 -3.67
C LEU B 136 -5.33 -11.07 -2.45
N VAL B 137 -6.39 -10.75 -1.71
CA VAL B 137 -6.84 -11.54 -0.57
C VAL B 137 -7.99 -12.42 -1.07
N SER B 138 -7.74 -13.72 -1.15
CA SER B 138 -8.72 -14.66 -1.69
C SER B 138 -10.02 -14.66 -0.88
N GLY B 139 -10.06 -13.89 0.20
CA GLY B 139 -11.26 -13.80 1.03
C GLY B 139 -12.07 -12.56 0.76
N TRP B 140 -11.88 -11.95 -0.41
CA TRP B 140 -12.60 -10.72 -0.80
C TRP B 140 -13.69 -11.10 -1.81
N VAL B 141 -14.92 -11.25 -1.33
CA VAL B 141 -16.00 -11.67 -2.20
C VAL B 141 -16.46 -10.51 -3.09
N LYS B 142 -16.78 -9.35 -2.48
CA LYS B 142 -17.15 -8.12 -3.12
C LYS B 142 -15.94 -7.18 -3.20
N PRO B 143 -15.71 -6.48 -4.31
CA PRO B 143 -14.64 -5.46 -4.32
C PRO B 143 -14.77 -4.45 -3.17
N ILE B 144 -13.69 -3.73 -2.92
CA ILE B 144 -13.58 -2.72 -1.87
C ILE B 144 -13.42 -1.38 -2.55
N ILE B 145 -14.19 -0.38 -2.12
CA ILE B 145 -14.17 0.94 -2.70
C ILE B 145 -13.32 1.84 -1.81
N ILE B 146 -12.28 2.44 -2.41
CA ILE B 146 -11.30 3.26 -1.71
C ILE B 146 -11.39 4.68 -2.27
N GLY B 147 -11.75 5.63 -1.40
CA GLY B 147 -11.73 7.04 -1.74
C GLY B 147 -10.55 7.73 -1.07
N GLN B 148 -9.82 8.51 -1.85
CA GLN B 148 -8.62 9.18 -1.35
C GLN B 148 -8.79 10.69 -1.41
N HIS B 149 -7.96 11.36 -0.63
CA HIS B 149 -8.01 12.81 -0.46
C HIS B 149 -6.84 13.44 -1.20
N ALA B 150 -7.13 14.26 -2.20
CA ALA B 150 -6.10 14.93 -2.97
C ALA B 150 -5.08 13.93 -3.52
N TYR B 155 -0.15 18.37 -5.85
CA TYR B 155 -0.54 18.14 -4.46
C TYR B 155 -0.89 19.46 -3.76
N ARG B 156 -0.13 19.74 -2.70
CA ARG B 156 -0.31 20.90 -1.86
C ARG B 156 0.69 20.77 -0.72
N ALA B 157 1.95 20.52 -1.08
CA ALA B 157 3.04 20.40 -0.13
C ALA B 157 4.18 21.28 -0.61
N THR B 158 4.53 22.29 0.18
CA THR B 158 5.61 23.21 -0.15
C THR B 158 6.89 22.65 0.46
N ASP B 159 7.62 21.87 -0.34
CA ASP B 159 8.87 21.29 0.09
C ASP B 159 10.05 22.10 -0.45
N PHE B 160 11.17 22.04 0.27
CA PHE B 160 12.38 22.75 -0.15
C PHE B 160 13.56 22.14 0.58
N VAL B 161 14.75 22.45 0.09
CA VAL B 161 15.98 21.93 0.66
C VAL B 161 16.52 22.91 1.69
N VAL B 162 17.03 22.38 2.79
CA VAL B 162 17.69 23.16 3.82
C VAL B 162 19.20 23.03 3.59
N PRO B 163 19.87 24.06 3.06
CA PRO B 163 21.28 23.87 2.68
C PRO B 163 22.21 23.72 3.86
N GLY B 164 21.95 24.42 4.95
CA GLY B 164 22.80 24.36 6.12
C GLY B 164 22.07 24.79 7.38
N PRO B 165 22.81 24.94 8.48
CA PRO B 165 22.17 25.33 9.74
C PRO B 165 21.27 26.54 9.59
N GLY B 166 20.24 26.58 10.42
CA GLY B 166 19.25 27.62 10.35
C GLY B 166 17.94 27.14 10.94
N LYS B 167 16.99 28.07 11.01
CA LYS B 167 15.67 27.81 11.57
C LYS B 167 14.65 27.61 10.45
N VAL B 168 13.86 26.56 10.55
CA VAL B 168 12.66 26.39 9.75
C VAL B 168 11.47 26.61 10.67
N GLU B 169 10.64 27.60 10.35
CA GLU B 169 9.47 27.93 11.15
C GLU B 169 8.25 28.00 10.25
N ILE B 170 7.10 27.71 10.84
CA ILE B 170 5.82 27.78 10.15
C ILE B 170 4.93 28.74 10.93
N THR B 171 4.43 29.77 10.26
CA THR B 171 3.71 30.84 10.92
C THR B 171 2.28 30.93 10.40
N TYR B 172 1.38 31.33 11.29
CA TYR B 172 0.00 31.62 10.94
C TYR B 172 -0.26 33.09 11.22
N THR B 173 -0.72 33.82 10.19
CA THR B 173 -0.99 35.24 10.32
C THR B 173 -2.47 35.50 10.14
N PRO B 174 -3.21 35.79 11.21
CA PRO B 174 -4.65 36.00 11.06
C PRO B 174 -4.94 37.19 10.17
N SER B 175 -6.01 37.07 9.38
CA SER B 175 -6.41 38.12 8.47
C SER B 175 -7.10 39.28 9.16
N ASP B 176 -7.53 39.11 10.42
CA ASP B 176 -8.19 40.17 11.17
C ASP B 176 -7.21 40.99 12.01
N GLY B 177 -5.91 40.86 11.75
CA GLY B 177 -4.92 41.69 12.38
C GLY B 177 -4.45 41.25 13.75
N THR B 178 -5.02 40.18 14.31
CA THR B 178 -4.62 39.74 15.64
C THR B 178 -3.24 39.07 15.57
N GLN B 179 -2.76 38.63 16.73
CA GLN B 179 -1.34 38.30 16.89
C GLN B 179 -0.92 37.15 15.97
N LYS B 180 0.23 37.34 15.32
CA LYS B 180 0.82 36.27 14.52
C LYS B 180 1.30 35.14 15.42
N VAL B 181 1.11 33.91 14.94
CA VAL B 181 1.51 32.70 15.67
C VAL B 181 2.64 32.03 14.90
N THR B 182 3.66 31.58 15.63
CA THR B 182 4.86 31.01 15.04
C THR B 182 5.19 29.70 15.72
N TYR B 183 5.44 28.66 14.93
CA TYR B 183 5.86 27.35 15.43
C TYR B 183 7.23 27.01 14.86
N LEU B 184 8.09 26.48 15.71
CA LEU B 184 9.39 25.98 15.26
C LEU B 184 9.19 24.60 14.64
N VAL B 185 9.60 24.43 13.39
CA VAL B 185 9.62 23.11 12.78
C VAL B 185 10.86 22.35 13.20
N HIS B 186 12.02 22.98 13.06
CA HIS B 186 13.28 22.41 13.52
C HIS B 186 14.37 23.46 13.43
N ASN B 187 15.31 23.38 14.35
CA ASN B 187 16.54 24.19 14.31
C ASN B 187 17.68 23.28 13.88
N PHE B 188 18.12 23.44 12.64
CA PHE B 188 19.28 22.71 12.14
C PHE B 188 20.53 23.36 12.72
N GLU B 189 21.09 22.75 13.77
CA GLU B 189 22.28 23.30 14.40
C GLU B 189 23.55 22.95 13.63
N GLU B 190 23.61 21.76 13.04
CA GLU B 190 24.69 21.40 12.13
C GLU B 190 24.10 20.63 10.95
N GLY B 191 24.74 20.75 9.80
CA GLY B 191 24.24 20.11 8.60
C GLY B 191 22.91 20.69 8.16
N GLY B 192 22.42 20.18 7.03
CA GLY B 192 21.16 20.62 6.48
C GLY B 192 20.14 19.52 6.40
N GLY B 193 19.33 19.54 5.34
CA GLY B 193 18.31 18.54 5.13
C GLY B 193 17.18 19.03 4.25
N VAL B 194 15.94 18.73 4.63
CA VAL B 194 14.77 19.15 3.88
C VAL B 194 13.68 19.54 4.86
N ALA B 195 12.75 20.37 4.37
CA ALA B 195 11.58 20.77 5.14
C ALA B 195 10.42 20.94 4.18
N MET B 196 9.21 20.80 4.72
CA MET B 196 8.01 20.92 3.90
C MET B 196 6.86 21.44 4.75
N GLY B 197 5.94 22.14 4.09
CA GLY B 197 4.71 22.58 4.72
C GLY B 197 3.52 22.00 3.99
N MET B 198 2.44 21.77 4.74
CA MET B 198 1.26 21.13 4.17
C MET B 198 0.03 21.66 4.91
N TYR B 199 -1.11 21.60 4.24
CA TYR B 199 -2.33 22.23 4.75
C TYR B 199 -3.56 21.48 4.27
N ASN B 200 -4.68 21.77 4.93
CA ASN B 200 -5.98 21.25 4.50
C ASN B 200 -7.06 22.21 4.98
N GLN B 201 -7.88 22.69 4.06
CA GLN B 201 -8.97 23.58 4.40
C GLN B 201 -10.15 22.77 4.96
N ASP B 202 -10.89 23.38 5.89
CA ASP B 202 -12.01 22.69 6.51
C ASP B 202 -13.07 22.31 5.50
N LYS B 203 -13.42 23.24 4.60
CA LYS B 203 -14.37 22.92 3.54
C LYS B 203 -13.93 21.68 2.76
N SER B 204 -12.63 21.57 2.48
CA SER B 204 -12.14 20.40 1.77
C SER B 204 -12.45 19.12 2.54
N ILE B 205 -12.25 19.11 3.85
CA ILE B 205 -12.52 17.91 4.63
C ILE B 205 -14.02 17.64 4.70
N GLU B 206 -14.83 18.69 4.84
CA GLU B 206 -16.28 18.51 4.86
C GLU B 206 -16.77 17.86 3.57
N ASP B 207 -16.28 18.34 2.43
CA ASP B 207 -16.64 17.73 1.15
C ASP B 207 -16.22 16.27 1.10
N PHE B 208 -15.00 15.97 1.54
CA PHE B 208 -14.53 14.59 1.58
C PHE B 208 -15.51 13.71 2.34
N ALA B 209 -15.93 14.15 3.53
CA ALA B 209 -16.86 13.36 4.32
C ALA B 209 -18.20 13.20 3.60
N HIS B 210 -18.73 14.29 3.05
CA HIS B 210 -20.04 14.22 2.41
C HIS B 210 -20.03 13.26 1.23
N SER B 211 -19.04 13.38 0.35
CA SER B 211 -18.93 12.44 -0.75
C SER B 211 -18.81 11.02 -0.25
N SER B 212 -18.01 10.81 0.81
CA SER B 212 -17.82 9.47 1.35
C SER B 212 -19.14 8.90 1.89
N PHE B 213 -19.86 9.69 2.67
CA PHE B 213 -21.13 9.21 3.22
C PHE B 213 -22.14 8.91 2.11
N GLN B 214 -22.20 9.77 1.10
CA GLN B 214 -23.09 9.50 -0.03
C GLN B 214 -22.66 8.24 -0.77
N MET B 215 -21.35 8.07 -0.98
CA MET B 215 -20.83 6.85 -1.61
C MET B 215 -21.31 5.62 -0.86
N ALA B 216 -21.20 5.62 0.47
CA ALA B 216 -21.57 4.45 1.26
C ALA B 216 -23.08 4.20 1.20
N LEU B 217 -23.88 5.27 1.30
CA LEU B 217 -25.32 5.11 1.20
C LEU B 217 -25.71 4.60 -0.18
N SER B 218 -25.14 5.18 -1.24
CA SER B 218 -25.48 4.76 -2.59
C SER B 218 -25.18 3.28 -2.79
N LYS B 219 -24.04 2.80 -2.31
CA LYS B 219 -23.67 1.40 -2.45
C LYS B 219 -24.24 0.51 -1.36
N GLY B 220 -24.82 1.08 -0.32
CA GLY B 220 -25.36 0.29 0.77
C GLY B 220 -24.30 -0.47 1.55
N TRP B 221 -23.10 0.09 1.66
CA TRP B 221 -21.98 -0.54 2.35
C TRP B 221 -21.50 0.33 3.50
N PRO B 222 -20.80 -0.26 4.47
CA PRO B 222 -20.29 0.53 5.59
C PRO B 222 -19.13 1.41 5.17
N LEU B 223 -18.88 2.44 5.97
CA LEU B 223 -17.83 3.42 5.69
C LEU B 223 -16.82 3.43 6.83
N TYR B 224 -15.53 3.40 6.46
CA TYR B 224 -14.45 3.42 7.42
C TYR B 224 -13.48 4.54 7.04
N LEU B 225 -13.26 5.46 7.97
CA LEU B 225 -12.22 6.49 7.83
C LEU B 225 -10.99 6.06 8.61
N SER B 226 -9.86 6.01 7.93
CA SER B 226 -8.58 5.63 8.52
C SER B 226 -7.65 6.84 8.55
N THR B 227 -7.13 7.14 9.75
CA THR B 227 -6.18 8.23 9.91
C THR B 227 -5.07 7.76 10.86
N LYS B 228 -4.15 8.68 11.15
CA LYS B 228 -3.16 8.48 12.19
C LYS B 228 -3.30 9.61 13.22
N ASN B 229 -4.51 9.77 13.76
CA ASN B 229 -4.80 10.87 14.68
C ASN B 229 -4.11 10.70 16.03
N THR B 230 -3.46 9.56 16.28
CA THR B 230 -2.68 9.42 17.51
C THR B 230 -1.34 10.11 17.43
N ILE B 231 -0.80 10.27 16.21
CA ILE B 231 0.47 10.96 16.00
C ILE B 231 0.18 12.41 15.67
N LEU B 232 -0.43 12.66 14.50
CA LEU B 232 -0.87 13.99 14.11
C LEU B 232 -2.18 14.32 14.84
N LYS B 233 -2.03 14.60 16.13
CA LYS B 233 -3.21 14.76 16.99
C LYS B 233 -4.16 15.82 16.44
N LYS B 234 -3.63 16.95 15.97
CA LYS B 234 -4.48 18.04 15.51
C LYS B 234 -4.83 17.93 14.03
N TYR B 235 -3.86 17.58 13.18
CA TYR B 235 -4.12 17.48 11.74
C TYR B 235 -5.15 16.40 11.45
N ASP B 236 -4.81 15.14 11.76
CA ASP B 236 -5.73 14.04 11.51
C ASP B 236 -6.94 14.09 12.43
N GLY B 237 -6.75 14.57 13.67
CA GLY B 237 -7.87 14.73 14.57
C GLY B 237 -8.98 15.56 13.95
N ARG B 238 -8.62 16.55 13.14
CA ARG B 238 -9.63 17.37 12.47
C ARG B 238 -10.46 16.53 11.50
N PHE B 239 -9.80 15.65 10.74
CA PHE B 239 -10.54 14.76 9.85
C PHE B 239 -11.53 13.92 10.63
N LYS B 240 -11.06 13.21 11.66
CA LYS B 240 -11.93 12.33 12.41
C LYS B 240 -13.07 13.09 13.07
N ASP B 241 -12.80 14.32 13.54
CA ASP B 241 -13.84 15.11 14.19
C ASP B 241 -14.90 15.54 13.18
N ILE B 242 -14.47 16.09 12.04
CA ILE B 242 -15.43 16.57 11.05
C ILE B 242 -16.24 15.42 10.47
N PHE B 243 -15.60 14.27 10.23
CA PHE B 243 -16.34 13.11 9.75
C PHE B 243 -17.40 12.68 10.75
N GLN B 244 -17.05 12.67 12.04
CA GLN B 244 -18.00 12.25 13.06
C GLN B 244 -19.14 13.25 13.21
N GLU B 245 -18.83 14.54 13.26
CA GLU B 245 -19.86 15.56 13.45
C GLU B 245 -20.83 15.59 12.27
N ILE B 246 -20.32 15.37 11.05
CA ILE B 246 -21.20 15.36 9.88
C ILE B 246 -22.04 14.10 9.87
N TYR B 247 -21.47 12.97 10.30
CA TYR B 247 -22.23 11.73 10.37
C TYR B 247 -23.38 11.85 11.36
N ASP B 248 -23.09 12.34 12.57
CA ASP B 248 -24.10 12.38 13.62
C ASP B 248 -25.25 13.32 13.26
N LYS B 249 -24.94 14.42 12.59
CA LYS B 249 -25.96 15.44 12.30
C LYS B 249 -26.69 15.22 11.00
N GLN B 250 -26.11 14.50 10.03
CA GLN B 250 -26.64 14.45 8.68
C GLN B 250 -26.84 13.04 8.11
N TYR B 251 -26.17 12.02 8.64
CA TYR B 251 -26.21 10.72 7.99
C TYR B 251 -26.40 9.54 8.95
N LYS B 252 -26.45 9.77 10.25
CA LYS B 252 -26.57 8.66 11.19
C LYS B 252 -27.83 7.84 10.93
N SER B 253 -28.99 8.50 10.93
CA SER B 253 -30.26 7.79 10.75
C SER B 253 -30.29 7.07 9.41
N GLN B 254 -29.96 7.77 8.32
CA GLN B 254 -29.97 7.15 7.00
C GLN B 254 -29.07 5.90 6.97
N PHE B 255 -27.88 6.00 7.56
CA PHE B 255 -27.01 4.83 7.61
C PHE B 255 -27.68 3.68 8.36
N GLU B 256 -28.38 3.99 9.45
CA GLU B 256 -29.09 2.95 10.20
C GLU B 256 -30.25 2.39 9.39
N ALA B 257 -31.02 3.27 8.73
CA ALA B 257 -32.15 2.82 7.92
C ALA B 257 -31.72 1.80 6.88
N GLN B 258 -30.44 1.74 6.54
CA GLN B 258 -29.90 0.73 5.63
C GLN B 258 -29.06 -0.31 6.38
N LYS B 259 -29.09 -0.29 7.71
CA LYS B 259 -28.37 -1.25 8.54
C LYS B 259 -26.86 -1.20 8.32
N ILE B 260 -26.34 -0.07 7.85
CA ILE B 260 -24.89 0.12 7.73
C ILE B 260 -24.44 1.05 8.85
N TRP B 261 -23.19 1.50 8.78
CA TRP B 261 -22.60 2.30 9.85
C TRP B 261 -21.37 3.02 9.32
N TYR B 262 -20.90 3.98 10.10
CA TYR B 262 -19.62 4.64 9.87
C TYR B 262 -18.78 4.52 11.13
N GLU B 263 -17.47 4.31 10.95
CA GLU B 263 -16.56 4.21 12.08
C GLU B 263 -15.18 4.71 11.68
N HIS B 264 -14.55 5.45 12.58
CA HIS B 264 -13.14 5.77 12.46
C HIS B 264 -12.28 4.56 12.82
N ARG B 265 -11.06 4.53 12.31
CA ARG B 265 -10.14 3.46 12.61
C ARG B 265 -8.73 3.91 12.32
N LEU B 266 -7.81 3.64 13.25
CA LEU B 266 -6.40 3.92 12.99
C LEU B 266 -5.91 3.05 11.84
N ILE B 267 -5.03 3.62 11.01
CA ILE B 267 -4.67 2.98 9.74
C ILE B 267 -4.18 1.56 9.97
N ASP B 268 -3.42 1.34 11.04
CA ASP B 268 -2.90 0.01 11.31
C ASP B 268 -4.03 -0.97 11.64
N ASP B 269 -4.91 -0.59 12.56
CA ASP B 269 -6.06 -1.43 12.87
C ASP B 269 -6.91 -1.67 11.62
N MET B 270 -7.03 -0.65 10.76
CA MET B 270 -7.88 -0.77 9.58
C MET B 270 -7.31 -1.76 8.58
N VAL B 271 -6.00 -1.72 8.35
CA VAL B 271 -5.38 -2.71 7.48
C VAL B 271 -5.60 -4.11 8.03
N ALA B 272 -5.55 -4.25 9.36
CA ALA B 272 -5.84 -5.54 9.99
C ALA B 272 -7.26 -5.99 9.67
N GLN B 273 -8.25 -5.17 10.03
CA GLN B 273 -9.64 -5.54 9.78
C GLN B 273 -9.90 -5.84 8.32
N ALA B 274 -9.23 -5.13 7.41
CA ALA B 274 -9.49 -5.29 5.99
C ALA B 274 -8.97 -6.62 5.47
N MET B 275 -7.79 -7.04 5.92
CA MET B 275 -7.20 -8.28 5.40
C MET B 275 -8.00 -9.49 5.84
N LYS B 276 -8.56 -9.46 7.05
CA LYS B 276 -9.40 -10.54 7.55
C LYS B 276 -10.85 -10.41 7.09
N SER B 277 -11.19 -9.35 6.37
CA SER B 277 -12.56 -9.10 5.95
C SER B 277 -12.81 -9.67 4.54
N GLU B 278 -14.09 -9.74 4.18
CA GLU B 278 -14.51 -10.23 2.87
C GLU B 278 -14.89 -9.10 1.93
N GLY B 279 -14.28 -7.93 2.10
CA GLY B 279 -14.61 -6.78 1.27
C GLY B 279 -15.99 -6.23 1.58
N GLY B 280 -16.44 -5.36 0.66
CA GLY B 280 -17.76 -4.78 0.78
C GLY B 280 -17.84 -3.62 1.75
N PHE B 281 -16.98 -2.63 1.59
CA PHE B 281 -17.01 -1.44 2.41
C PHE B 281 -16.27 -0.32 1.70
N ILE B 282 -16.61 0.91 2.06
CA ILE B 282 -15.91 2.09 1.57
C ILE B 282 -14.79 2.43 2.54
N TRP B 283 -13.63 2.76 1.99
CA TRP B 283 -12.45 3.09 2.78
C TRP B 283 -12.00 4.50 2.40
N ALA B 284 -12.31 5.47 3.26
CA ALA B 284 -11.80 6.83 3.11
C ALA B 284 -10.51 6.95 3.91
N CYS B 285 -9.42 7.28 3.23
CA CYS B 285 -8.12 7.43 3.87
C CYS B 285 -7.47 8.72 3.37
N LYS B 286 -6.91 9.49 4.31
CA LYS B 286 -6.32 10.78 3.99
C LYS B 286 -5.17 10.62 3.01
N ASN B 287 -4.02 10.14 3.49
CA ASN B 287 -2.85 9.96 2.65
C ASN B 287 -2.49 11.25 1.93
N GLY B 300 -1.94 -3.14 -3.84
CA GLY B 300 -2.87 -2.81 -4.90
C GLY B 300 -2.30 -3.05 -6.29
N TYR B 301 -2.30 -4.31 -6.73
CA TYR B 301 -1.86 -4.68 -8.07
C TYR B 301 -2.82 -5.75 -8.63
N GLY B 302 -3.92 -5.29 -9.20
CA GLY B 302 -4.76 -6.10 -10.04
C GLY B 302 -4.61 -5.68 -11.49
N SER B 303 -5.33 -6.39 -12.36
CA SER B 303 -5.35 -6.00 -13.76
C SER B 303 -6.00 -4.62 -13.89
N LEU B 304 -5.26 -3.67 -14.46
CA LEU B 304 -5.81 -2.33 -14.64
C LEU B 304 -7.09 -2.36 -15.46
N GLY B 305 -7.20 -3.29 -16.39
CA GLY B 305 -8.41 -3.41 -17.20
C GLY B 305 -9.67 -3.63 -16.40
N MET B 306 -9.55 -3.90 -15.10
CA MET B 306 -10.71 -4.15 -14.24
C MET B 306 -10.85 -3.09 -13.15
N MET B 307 -10.18 -1.96 -13.29
CA MET B 307 -10.19 -0.92 -12.27
C MET B 307 -11.09 0.23 -12.71
N THR B 308 -12.07 0.56 -11.88
CA THR B 308 -13.04 1.62 -12.17
C THR B 308 -12.79 2.82 -11.27
N SER B 309 -13.20 4.00 -11.75
CA SER B 309 -13.01 5.24 -11.01
C SER B 309 -14.24 6.11 -11.18
N VAL B 310 -14.61 6.81 -10.10
CA VAL B 310 -15.77 7.71 -10.11
C VAL B 310 -15.47 8.91 -9.22
N LEU B 311 -15.61 10.10 -9.79
CA LEU B 311 -15.52 11.34 -9.03
C LEU B 311 -16.91 11.68 -8.51
N VAL B 312 -17.04 11.80 -7.19
CA VAL B 312 -18.32 12.01 -6.54
C VAL B 312 -18.29 13.39 -5.89
N CYS B 313 -19.04 14.33 -6.45
CA CYS B 313 -19.11 15.66 -5.87
C CYS B 313 -19.90 15.62 -4.56
N PRO B 314 -19.53 16.46 -3.59
CA PRO B 314 -20.22 16.43 -2.29
C PRO B 314 -21.71 16.70 -2.39
N ASP B 315 -22.18 17.39 -3.42
CA ASP B 315 -23.59 17.70 -3.56
C ASP B 315 -24.45 16.44 -3.63
N GLY B 316 -23.88 15.29 -4.00
CA GLY B 316 -24.65 14.09 -4.22
C GLY B 316 -25.39 14.04 -5.53
N LYS B 317 -25.19 15.01 -6.42
CA LYS B 317 -25.88 15.08 -7.70
C LYS B 317 -24.96 14.85 -8.89
N THR B 318 -23.73 15.33 -8.84
CA THR B 318 -22.81 15.27 -9.98
C THR B 318 -21.78 14.17 -9.78
N VAL B 319 -21.61 13.33 -10.81
CA VAL B 319 -20.60 12.28 -10.80
C VAL B 319 -19.96 12.20 -12.17
N GLU B 320 -18.70 11.77 -12.19
CA GLU B 320 -17.95 11.56 -13.42
C GLU B 320 -17.25 10.21 -13.33
N ALA B 321 -17.47 9.36 -14.33
CA ALA B 321 -16.95 7.99 -14.32
C ALA B 321 -15.91 7.80 -15.41
N GLU B 322 -14.85 7.08 -15.09
CA GLU B 322 -13.82 6.72 -16.06
C GLU B 322 -13.12 5.46 -15.58
N ALA B 323 -12.39 4.84 -16.51
CA ALA B 323 -11.52 3.73 -16.14
C ALA B 323 -10.33 4.24 -15.36
N ALA B 324 -9.80 3.40 -14.47
CA ALA B 324 -8.65 3.79 -13.66
C ALA B 324 -7.34 3.76 -14.43
N HIS B 325 -7.30 3.08 -15.58
CA HIS B 325 -6.09 2.97 -16.36
C HIS B 325 -5.98 4.11 -17.36
N GLY B 326 -4.91 4.09 -18.16
CA GLY B 326 -4.65 5.09 -19.16
C GLY B 326 -5.06 4.65 -20.55
N THR B 327 -4.42 5.24 -21.56
CA THR B 327 -4.79 5.03 -22.96
C THR B 327 -4.17 3.76 -23.56
N VAL B 328 -3.39 3.02 -22.78
CA VAL B 328 -2.78 1.77 -23.23
C VAL B 328 -1.98 2.01 -24.52
N THR B 329 -1.05 2.97 -24.46
CA THR B 329 -0.23 3.29 -25.62
C THR B 329 0.41 2.06 -26.24
N ARG B 330 0.97 1.17 -25.40
CA ARG B 330 1.69 0.01 -25.91
C ARG B 330 0.81 -0.82 -26.84
N HIS B 331 -0.42 -1.11 -26.43
CA HIS B 331 -1.33 -1.83 -27.30
C HIS B 331 -1.66 -1.04 -28.55
N TYR B 332 -1.75 0.30 -28.41
CA TYR B 332 -2.09 1.13 -29.55
C TYR B 332 -1.01 1.05 -30.63
N ARG B 333 0.26 1.05 -30.23
CA ARG B 333 1.34 0.89 -31.20
C ARG B 333 1.20 -0.43 -31.95
N MET B 334 0.86 -1.51 -31.24
CA MET B 334 0.55 -2.77 -31.89
C MET B 334 -0.54 -2.59 -32.93
N TYR B 335 -1.67 -2.03 -32.51
CA TYR B 335 -2.81 -1.84 -33.40
C TYR B 335 -2.46 -0.94 -34.58
N GLN B 336 -1.52 -0.02 -34.40
CA GLN B 336 -1.14 0.86 -35.50
C GLN B 336 -0.44 0.09 -36.61
N LYS B 337 0.38 -0.90 -36.24
CA LYS B 337 1.09 -1.73 -37.21
C LYS B 337 0.26 -2.91 -37.69
N GLY B 338 -1.07 -2.87 -37.49
CA GLY B 338 -1.92 -3.96 -37.91
C GLY B 338 -1.77 -5.24 -37.14
N GLN B 339 -1.18 -5.19 -35.94
CA GLN B 339 -0.97 -6.38 -35.13
C GLN B 339 -2.17 -6.63 -34.23
N GLU B 340 -2.41 -7.91 -33.95
CA GLU B 340 -3.53 -8.29 -33.10
C GLU B 340 -3.36 -7.73 -31.69
N THR B 341 -4.42 -7.13 -31.16
CA THR B 341 -4.43 -6.64 -29.79
C THR B 341 -5.44 -7.44 -28.97
N SER B 342 -5.27 -7.39 -27.65
CA SER B 342 -6.23 -7.95 -26.72
C SER B 342 -6.29 -6.99 -25.53
N THR B 343 -7.08 -5.92 -25.68
CA THR B 343 -7.22 -4.90 -24.65
C THR B 343 -8.53 -5.10 -23.90
N ASN B 344 -8.49 -4.95 -22.59
CA ASN B 344 -9.64 -5.22 -21.74
C ASN B 344 -10.56 -4.01 -21.70
N PRO B 345 -11.80 -4.12 -22.15
CA PRO B 345 -12.72 -2.98 -22.14
C PRO B 345 -13.57 -2.84 -20.89
N ILE B 346 -13.40 -3.73 -19.90
CA ILE B 346 -14.31 -3.76 -18.75
C ILE B 346 -14.36 -2.42 -18.04
N ALA B 347 -13.19 -1.90 -17.66
CA ALA B 347 -13.15 -0.61 -16.96
C ALA B 347 -13.86 0.48 -17.78
N SER B 348 -13.61 0.52 -19.08
CA SER B 348 -14.30 1.49 -19.93
C SER B 348 -15.80 1.25 -19.92
N ILE B 349 -16.22 -0.02 -20.02
CA ILE B 349 -17.65 -0.33 -19.99
C ILE B 349 -18.28 0.11 -18.69
N PHE B 350 -17.59 -0.11 -17.57
CA PHE B 350 -18.16 0.23 -16.28
C PHE B 350 -18.20 1.74 -16.05
N ALA B 351 -17.35 2.51 -16.74
CA ALA B 351 -17.53 3.96 -16.75
C ALA B 351 -18.91 4.32 -17.30
N TRP B 352 -19.30 3.69 -18.41
CA TRP B 352 -20.62 3.95 -18.98
C TRP B 352 -21.73 3.48 -18.05
N THR B 353 -21.60 2.26 -17.51
CA THR B 353 -22.68 1.72 -16.68
C THR B 353 -22.85 2.50 -15.38
N ARG B 354 -21.75 3.00 -14.81
CA ARG B 354 -21.88 3.80 -13.60
C ARG B 354 -22.51 5.16 -13.90
N GLY B 355 -22.08 5.80 -14.98
CA GLY B 355 -22.72 7.05 -15.36
C GLY B 355 -24.19 6.89 -15.65
N LEU B 356 -24.54 5.89 -16.47
CA LEU B 356 -25.93 5.65 -16.81
C LEU B 356 -26.74 5.29 -15.57
N ALA B 357 -26.14 4.54 -14.64
CA ALA B 357 -26.85 4.19 -13.41
C ALA B 357 -27.16 5.44 -12.59
N HIS B 358 -26.21 6.37 -12.50
CA HIS B 358 -26.47 7.61 -11.77
C HIS B 358 -27.53 8.45 -12.48
N ARG B 359 -27.40 8.60 -13.79
CA ARG B 359 -28.42 9.29 -14.57
C ARG B 359 -29.79 8.68 -14.31
N ALA B 360 -29.89 7.36 -14.31
CA ALA B 360 -31.16 6.69 -14.04
C ALA B 360 -31.68 7.05 -12.66
N LYS B 361 -30.80 7.01 -11.65
CA LYS B 361 -31.22 7.38 -10.30
C LYS B 361 -31.75 8.80 -10.25
N LEU B 362 -31.03 9.73 -10.88
CA LEU B 362 -31.45 11.13 -10.87
C LEU B 362 -32.82 11.32 -11.51
N ASP B 363 -33.13 10.53 -12.54
CA ASP B 363 -34.35 10.71 -13.31
C ASP B 363 -35.44 9.71 -12.96
N ASN B 364 -35.23 8.85 -11.97
CA ASN B 364 -36.17 7.78 -11.66
C ASN B 364 -36.52 6.99 -12.93
N ASN B 365 -35.48 6.60 -13.66
CA ASN B 365 -35.61 5.89 -14.93
C ASN B 365 -35.37 4.41 -14.68
N LYS B 366 -36.45 3.67 -14.41
CA LYS B 366 -36.33 2.26 -14.08
C LYS B 366 -35.72 1.47 -15.24
N GLU B 367 -36.09 1.81 -16.48
CA GLU B 367 -35.57 1.06 -17.62
C GLU B 367 -34.07 1.24 -17.77
N LEU B 368 -33.58 2.48 -17.67
CA LEU B 368 -32.15 2.71 -17.78
C LEU B 368 -31.40 2.10 -16.61
N ALA B 369 -31.96 2.19 -15.41
CA ALA B 369 -31.34 1.56 -14.26
C ALA B 369 -31.14 0.06 -14.49
N PHE B 370 -32.14 -0.61 -15.04
CA PHE B 370 -32.00 -2.03 -15.32
C PHE B 370 -30.95 -2.28 -16.39
N PHE B 371 -31.02 -1.54 -17.51
CA PHE B 371 -30.05 -1.74 -18.58
C PHE B 371 -28.61 -1.63 -18.07
N ALA B 372 -28.35 -0.61 -17.24
CA ALA B 372 -27.00 -0.44 -16.71
C ALA B 372 -26.59 -1.64 -15.87
N ASN B 373 -27.49 -2.13 -15.01
CA ASN B 373 -27.20 -3.32 -14.24
C ASN B 373 -26.95 -4.52 -15.15
N ALA B 374 -27.77 -4.66 -16.20
CA ALA B 374 -27.59 -5.79 -17.11
C ALA B 374 -26.24 -5.75 -17.79
N LEU B 375 -25.81 -4.57 -18.23
CA LEU B 375 -24.52 -4.46 -18.90
C LEU B 375 -23.39 -4.89 -17.99
N GLU B 376 -23.46 -4.53 -16.71
CA GLU B 376 -22.41 -4.92 -15.76
C GLU B 376 -22.41 -6.42 -15.54
N GLU B 377 -23.59 -7.02 -15.34
CA GLU B 377 -23.65 -8.46 -15.11
C GLU B 377 -23.17 -9.22 -16.34
N VAL B 378 -23.56 -8.78 -17.54
CA VAL B 378 -23.15 -9.47 -18.76
C VAL B 378 -21.63 -9.47 -18.89
N SER B 379 -20.98 -8.36 -18.51
CA SER B 379 -19.53 -8.30 -18.55
C SER B 379 -18.91 -9.29 -17.58
N ILE B 380 -19.40 -9.31 -16.35
CA ILE B 380 -18.87 -10.23 -15.34
C ILE B 380 -19.14 -11.67 -15.75
N GLU B 381 -20.35 -11.95 -16.25
CA GLU B 381 -20.73 -13.32 -16.57
C GLU B 381 -19.92 -13.86 -17.75
N THR B 382 -19.64 -13.01 -18.73
CA THR B 382 -18.86 -13.47 -19.89
C THR B 382 -17.48 -13.94 -19.46
N ILE B 383 -16.79 -13.15 -18.62
CA ILE B 383 -15.49 -13.56 -18.11
C ILE B 383 -15.63 -14.81 -17.26
N GLU B 384 -16.58 -14.79 -16.31
CA GLU B 384 -16.79 -15.94 -15.44
C GLU B 384 -17.18 -17.19 -16.22
N ALA B 385 -17.60 -17.04 -17.48
CA ALA B 385 -17.88 -18.18 -18.34
C ALA B 385 -16.65 -18.66 -19.10
N GLY B 386 -15.55 -17.92 -19.06
CA GLY B 386 -14.31 -18.34 -19.69
C GLY B 386 -13.88 -17.52 -20.89
N PHE B 387 -14.61 -16.48 -21.26
CA PHE B 387 -14.25 -15.62 -22.38
C PHE B 387 -13.68 -14.31 -21.83
N MET B 388 -12.43 -14.02 -22.19
CA MET B 388 -11.72 -12.91 -21.59
C MET B 388 -10.57 -12.49 -22.50
N THR B 389 -10.01 -11.33 -22.21
CA THR B 389 -8.83 -10.84 -22.92
C THR B 389 -7.57 -11.40 -22.29
N LYS B 390 -6.42 -11.12 -22.94
CA LYS B 390 -5.18 -11.78 -22.57
C LYS B 390 -4.72 -11.44 -21.16
N ASP B 391 -5.03 -10.24 -20.68
CA ASP B 391 -4.57 -9.85 -19.35
C ASP B 391 -5.18 -10.75 -18.27
N LEU B 392 -6.47 -11.08 -18.42
CA LEU B 392 -7.12 -11.92 -17.42
C LEU B 392 -6.73 -13.38 -17.57
N ALA B 393 -6.54 -13.84 -18.81
CA ALA B 393 -5.98 -15.18 -19.01
C ALA B 393 -4.60 -15.30 -18.38
N ALA B 394 -3.83 -14.20 -18.36
CA ALA B 394 -2.54 -14.23 -17.70
C ALA B 394 -2.69 -14.35 -16.18
N CYS B 395 -3.73 -13.71 -15.62
CA CYS B 395 -3.98 -13.83 -14.18
C CYS B 395 -4.32 -15.26 -13.78
N ILE B 396 -4.71 -16.09 -14.73
CA ILE B 396 -5.08 -17.48 -14.45
C ILE B 396 -3.92 -18.44 -14.70
N LYS B 397 -3.35 -18.41 -15.91
CA LYS B 397 -2.30 -19.34 -16.30
C LYS B 397 -0.90 -18.81 -16.04
N GLY B 398 -0.76 -17.53 -15.74
CA GLY B 398 0.55 -16.90 -15.69
C GLY B 398 1.04 -16.57 -17.08
N LEU B 399 1.59 -15.37 -17.26
CA LEU B 399 1.99 -14.92 -18.58
C LEU B 399 2.87 -15.91 -19.34
N PRO B 400 3.82 -16.62 -18.71
CA PRO B 400 4.68 -17.52 -19.49
C PRO B 400 3.93 -18.62 -20.20
N ASN B 401 2.79 -19.06 -19.67
CA ASN B 401 2.09 -20.22 -20.21
C ASN B 401 0.74 -19.86 -20.82
N VAL B 402 0.54 -18.60 -21.21
CA VAL B 402 -0.69 -18.18 -21.85
C VAL B 402 -0.63 -18.58 -23.32
N GLN B 403 -1.62 -19.33 -23.78
CA GLN B 403 -1.73 -19.72 -25.17
C GLN B 403 -2.80 -18.89 -25.87
N ARG B 404 -2.62 -18.72 -27.18
CA ARG B 404 -3.57 -17.91 -27.95
C ARG B 404 -5.01 -18.41 -27.76
N SER B 405 -5.18 -19.72 -27.66
CA SER B 405 -6.51 -20.31 -27.47
C SER B 405 -7.05 -20.07 -26.06
N ASP B 406 -6.36 -19.32 -25.22
CA ASP B 406 -6.82 -19.03 -23.87
C ASP B 406 -7.57 -17.71 -23.75
N TYR B 407 -7.52 -16.86 -24.77
CA TYR B 407 -8.10 -15.53 -24.67
C TYR B 407 -8.64 -15.10 -26.03
N LEU B 408 -9.42 -14.04 -26.02
CA LEU B 408 -9.94 -13.42 -27.24
C LEU B 408 -9.21 -12.11 -27.50
N ASN B 409 -9.11 -11.74 -28.77
CA ASN B 409 -8.58 -10.42 -29.09
C ASN B 409 -9.64 -9.37 -28.81
N THR B 410 -9.27 -8.10 -29.00
CA THR B 410 -10.14 -7.01 -28.55
C THR B 410 -11.49 -7.07 -29.25
N PHE B 411 -11.50 -7.22 -30.57
CA PHE B 411 -12.77 -7.22 -31.29
C PHE B 411 -13.55 -8.51 -31.08
N GLU B 412 -12.85 -9.63 -30.88
CA GLU B 412 -13.55 -10.88 -30.56
C GLU B 412 -14.27 -10.77 -29.23
N PHE B 413 -13.61 -10.19 -28.22
CA PHE B 413 -14.24 -10.05 -26.92
C PHE B 413 -15.42 -9.08 -26.98
N MET B 414 -15.28 -7.97 -27.71
CA MET B 414 -16.38 -7.02 -27.82
C MET B 414 -17.59 -7.65 -28.51
N ASP B 415 -17.35 -8.46 -29.55
CA ASP B 415 -18.45 -9.15 -30.21
C ASP B 415 -19.12 -10.14 -29.27
N LYS B 416 -18.34 -10.83 -28.44
CA LYS B 416 -18.91 -11.77 -27.48
C LYS B 416 -19.80 -11.05 -26.47
N LEU B 417 -19.35 -9.90 -25.96
CA LEU B 417 -20.17 -9.12 -25.05
C LEU B 417 -21.48 -8.72 -25.71
N GLY B 418 -21.41 -8.22 -26.94
CA GLY B 418 -22.63 -7.85 -27.65
C GLY B 418 -23.62 -9.00 -27.74
N GLU B 419 -23.14 -10.17 -28.16
CA GLU B 419 -24.02 -11.33 -28.27
C GLU B 419 -24.70 -11.64 -26.95
N ASN B 420 -23.94 -11.62 -25.84
CA ASN B 420 -24.53 -11.95 -24.55
C ASN B 420 -25.47 -10.85 -24.06
N LEU B 421 -25.11 -9.58 -24.29
CA LEU B 421 -26.00 -8.50 -23.90
C LEU B 421 -27.34 -8.61 -24.63
N LYS B 422 -27.29 -8.84 -25.94
CA LYS B 422 -28.50 -9.07 -26.72
C LYS B 422 -29.35 -10.17 -26.08
N ILE B 423 -28.72 -11.27 -25.69
CA ILE B 423 -29.45 -12.42 -25.17
C ILE B 423 -30.07 -12.09 -23.81
N LYS B 424 -29.28 -11.48 -22.93
CA LYS B 424 -29.79 -11.16 -21.59
C LYS B 424 -31.00 -10.23 -21.69
N LEU B 425 -30.88 -9.16 -22.47
CA LEU B 425 -31.98 -8.20 -22.57
C LEU B 425 -33.22 -8.82 -23.18
N ALA B 426 -33.06 -9.83 -24.03
CA ALA B 426 -34.23 -10.53 -24.56
C ALA B 426 -34.93 -11.32 -23.46
N GLN B 427 -34.16 -12.03 -22.65
CA GLN B 427 -34.72 -12.83 -21.57
C GLN B 427 -35.28 -11.98 -20.42
N ALA B 428 -35.00 -10.68 -20.42
CA ALA B 428 -35.44 -9.82 -19.31
C ALA B 428 -36.89 -9.38 -19.44
N LYS B 429 -37.47 -9.42 -20.64
CA LYS B 429 -38.88 -9.11 -20.78
C LYS B 429 -39.73 -10.06 -19.93
N LEU B 430 -39.59 -11.35 -20.17
CA LEU B 430 -40.18 -12.37 -19.32
C LEU B 430 -39.75 -13.77 -19.76
C1 GOL C . 2.01 -3.74 17.96
O1 GOL C . 0.99 -3.79 16.98
C2 GOL C . 3.03 -2.72 17.45
O2 GOL C . 2.86 -1.49 18.06
C3 GOL C . 4.39 -3.32 17.80
O3 GOL C . 5.15 -3.33 16.61
H11 GOL C . 1.67 -3.46 18.83
H12 GOL C . 2.43 -4.60 18.10
HO1 GOL C . 0.24 -3.77 17.39
H2 GOL C . 2.93 -2.59 16.50
HO2 GOL C . 2.67 -0.92 17.47
H31 GOL C . 4.80 -2.79 18.51
H32 GOL C . 4.27 -4.20 18.19
HO3 GOL C . 5.98 -3.35 16.84
PA NDP D . -1.02 -11.76 14.63
O1A NDP D . 0.00 -11.48 13.58
O2A NDP D . -0.59 -12.08 16.02
O5B NDP D . -2.06 -12.94 14.14
C5B NDP D . -2.53 -12.50 12.91
C4B NDP D . -3.22 -13.61 12.18
O4B NDP D . -2.45 -13.93 10.99
C3B NDP D . -3.35 -14.90 12.99
O3B NDP D . -4.57 -14.93 13.66
C2B NDP D . -3.42 -15.92 11.85
O2B NDP D . -4.56 -15.85 11.15
C1B NDP D . -2.25 -15.36 10.97
N9A NDP D . -0.90 -15.67 11.50
C8A NDP D . 0.05 -14.79 12.04
N7A NDP D . 1.18 -15.41 12.44
C5A NDP D . 0.96 -16.75 12.12
C6A NDP D . 1.76 -17.89 12.28
N6A NDP D . 3.02 -17.80 12.85
N1A NDP D . 1.32 -19.13 11.89
C2A NDP D . 0.06 -19.14 11.34
N3A NDP D . -0.82 -18.16 11.12
C4A NDP D . -0.33 -16.94 11.53
O3 NDP D . -1.78 -10.29 14.69
PN NDP D . -3.11 -10.34 15.57
O1N NDP D . -3.70 -8.99 15.54
O2N NDP D . -3.95 -11.59 15.42
O5D NDP D . -2.68 -10.47 17.26
C5D NDP D . -1.74 -9.51 17.45
C4D NDP D . -1.29 -9.57 18.88
O4D NDP D . 0.13 -9.59 18.86
C3D NDP D . -1.70 -8.26 19.61
O3D NDP D . -1.59 -8.44 20.97
C2D NDP D . -0.61 -7.32 19.06
O2D NDP D . -0.33 -6.27 19.92
C1D NDP D . 0.61 -8.29 19.07
N1N NDP D . 1.55 -7.93 17.99
C2N NDP D . 2.85 -7.66 18.30
C3N NDP D . 3.82 -7.77 17.35
C7N NDP D . 5.17 -7.79 17.87
O7N NDP D . 5.46 -7.81 19.07
N7N NDP D . 6.21 -7.76 16.95
C4N NDP D . 3.51 -7.51 15.91
C5N NDP D . 2.03 -7.52 15.67
C6N NDP D . 1.16 -7.87 16.63
P2B NDP D . -5.43 -17.24 11.07
O1X NDP D . -6.42 -16.74 10.06
O2X NDP D . -4.41 -18.28 10.59
O3X NDP D . -5.86 -17.29 12.50
H51A NDP D . -3.24 -11.68 13.07
H52A NDP D . -1.68 -12.14 12.32
H4B NDP D . -4.23 -13.27 11.94
H3B NDP D . -2.49 -15.06 13.64
HO3A NDP D . -5.26 -15.17 13.06
H2B NDP D . -3.22 -16.93 12.20
H1B NDP D . -2.30 -15.72 9.94
H8A NDP D . -0.11 -13.73 12.15
H61A NDP D . 3.64 -18.59 12.82
H62A NDP D . 3.31 -16.94 13.29
H2A NDP D . -0.28 -20.14 11.03
H51N NDP D . -0.89 -9.70 16.79
H52N NDP D . -2.16 -8.53 17.24
H4D NDP D . -1.73 -10.42 19.41
H3D NDP D . -2.71 -7.93 19.36
HO3N NDP D . -0.91 -9.07 21.15
H2D NDP D . -0.84 -6.98 18.05
HO2N NDP D . 0.56 -5.96 19.77
H1D NDP D . 1.07 -8.24 20.06
H2N NDP D . 3.04 -6.96 19.12
H71N NDP D . 7.16 -7.77 17.27
H72N NDP D . 6.01 -7.74 15.96
H41N NDP D . 3.96 -8.29 15.30
H42N NDP D . 3.91 -6.54 15.63
H5N NDP D . 1.65 -7.22 14.70
H6N NDP D . 0.13 -8.11 16.35
C1 GOL E . -2.66 11.41 -15.92
O1 GOL E . -1.27 11.34 -16.03
C2 GOL E . -2.98 12.09 -14.58
O2 GOL E . -2.42 13.36 -14.52
C3 GOL E . -4.50 12.15 -14.53
O3 GOL E . -4.90 11.61 -13.30
H11 GOL E . -3.08 11.90 -16.64
H12 GOL E . -3.09 10.53 -15.93
HO1 GOL E . -1.01 12.14 -16.21
H2 GOL E . -2.59 11.58 -13.85
HO2 GOL E . -1.59 13.28 -14.53
H31 GOL E . -4.78 13.07 -14.64
H32 GOL E . -4.86 11.67 -15.29
HO3 GOL E . -5.72 11.82 -13.18
PA NDP F . -1.75 2.57 -19.29
O1A NDP F . -2.59 2.27 -18.10
O2A NDP F . -2.35 3.27 -20.48
O5B NDP F . -1.00 1.22 -19.85
C5B NDP F . -0.47 0.60 -18.73
C4B NDP F . -0.14 -0.84 -19.00
O4B NDP F . -0.92 -1.68 -18.13
C3B NDP F . -0.47 -1.26 -20.45
O3B NDP F . 0.65 -1.12 -21.26
C2B NDP F . -0.70 -2.77 -20.21
O2B NDP F . 0.42 -3.43 -19.92
C1B NDP F . -1.60 -2.65 -18.92
N9A NDP F . -2.98 -2.20 -19.20
C8A NDP F . -3.57 -0.97 -18.88
N7A NDP F . -4.86 -0.86 -19.27
C5A NDP F . -5.12 -2.10 -19.89
C6A NDP F . -6.27 -2.62 -20.50
N6A NDP F . -7.43 -1.86 -20.56
N1A NDP F . -6.29 -3.88 -21.03
C2A NDP F . -5.10 -4.57 -20.92
N3A NDP F . -3.93 -4.21 -20.38
C4A NDP F . -3.96 -2.95 -19.85
O3 NDP F . -0.65 3.62 -18.63
PN NDP F . 0.58 3.91 -19.60
O1N NDP F . 1.48 4.81 -18.86
O2N NDP F . 1.07 2.74 -20.43
O5D NDP F . 0.05 4.97 -20.89
C5D NDP F . -0.71 5.91 -20.26
C4D NDP F . -1.05 6.98 -21.27
O4D NDP F . -2.36 7.43 -20.93
C3D NDP F . -0.11 8.20 -21.08
O3D NDP F . -0.18 9.00 -22.20
C2D NDP F . -0.77 8.87 -19.87
O2D NDP F . -0.57 10.25 -19.85
C1D NDP F . -2.26 8.61 -20.17
N1N NDP F . -3.00 8.40 -18.90
C2N NDP F . -4.14 9.12 -18.64
C3N NDP F . -5.06 8.63 -17.78
C7N NDP F . -6.38 9.24 -17.88
O7N NDP F . -6.65 10.14 -18.69
N7N NDP F . -7.37 8.75 -17.04
C4N NDP F . -4.66 7.80 -16.60
C5N NDP F . -3.22 7.40 -16.74
C6N NDP F . -2.58 7.48 -17.91
P2B NDP F . 0.82 -4.65 -20.95
O1X NDP F . 1.03 -3.80 -22.15
O2X NDP F . 2.07 -5.27 -20.30
O3X NDP F . -0.47 -5.43 -20.85
H51A NDP F . 0.44 1.12 -18.43
H52A NDP F . -1.19 0.66 -17.91
H4B NDP F . 0.94 -0.96 -18.86
H3B NDP F . -1.35 -0.77 -20.83
HO3A NDP F . 1.26 -1.83 -21.08
H2B NDP F . -1.23 -3.23 -21.05
H1B NDP F . -1.66 -3.60 -18.39
H8A NDP F . -3.04 -0.17 -18.36
H61A NDP F . -7.37 -0.87 -20.52
H62A NDP F . -8.31 -2.32 -20.68
H2A NDP F . -5.12 -5.57 -21.35
H51N NDP F . -1.64 5.46 -19.89
H52N NDP F . -0.16 6.35 -19.43
H4D NDP F . -0.94 6.62 -22.30
H3D NDP F . 0.93 7.91 -20.88
HO3N NDP F . -1.08 9.06 -22.49
H2D NDP F . -0.46 8.40 -18.93
HO2N NDP F . -0.44 10.55 -20.74
H1D NDP F . -2.65 9.44 -20.76
H2N NDP F . -4.10 10.19 -18.77
H71N NDP F . -8.29 9.15 -17.09
H72N NDP F . -7.16 8.02 -16.39
H41N NDP F . -5.28 6.90 -16.55
H42N NDP F . -4.78 8.39 -15.69
H5N NDP F . -2.68 7.03 -15.86
H6N NDP F . -1.74 6.83 -18.10
S SO4 G . 20.59 18.96 13.54
O1 SO4 G . 21.68 19.89 13.27
O2 SO4 G . 19.73 18.84 12.37
O3 SO4 G . 21.14 17.65 13.87
O4 SO4 G . 19.81 19.44 14.68
S SO4 H . -22.74 6.91 -6.90
O1 SO4 H . -23.96 7.49 -7.43
O2 SO4 H . -21.59 7.41 -7.67
O3 SO4 H . -22.80 5.45 -7.01
O4 SO4 H . -22.59 7.29 -5.51
#